data_1JFM
#
_entry.id   1JFM
#
_cell.length_a   138.415
_cell.length_b   138.415
_cell.length_c   337.553
_cell.angle_alpha   90.00
_cell.angle_beta   90.00
_cell.angle_gamma   90.00
#
_symmetry.space_group_name_H-M   'I 41 2 2'
#
loop_
_entity.id
_entity.type
_entity.pdbx_description
1 polymer 'retinoic acid early transcript beta'
2 water water
#
_entity_poly.entity_id   1
_entity_poly.type   'polypeptide(L)'
_entity_poly.pdbx_seq_one_letter_code
;DAHSLRCNLTIKDPTPADPLWYEAKCFVGEILILHLSNINKTMTSGDPGETANATEVKKCLTQPLKNLCQKLRNKVSNTK
VDTHKTNGYPHLQVTMIYPQSQGRTPSATWEFNISDSYFFTFYTENMSWRSANDESGVIMNKWKDDGEFVKQLKFLIHEC
SQKMDEFLKQSKEK
;
_entity_poly.pdbx_strand_id   A,B,C,D,E
#
# COMPACT_ATOMS: atom_id res chain seq x y z
N ASP A 1 40.73 13.30 -5.27
CA ASP A 1 41.18 12.70 -3.99
C ASP A 1 40.14 12.89 -2.89
N ALA A 2 40.27 12.12 -1.82
CA ALA A 2 39.35 12.22 -0.71
C ALA A 2 39.37 11.05 0.24
N HIS A 3 38.24 10.94 0.89
CA HIS A 3 37.95 9.91 1.85
C HIS A 3 36.50 9.71 1.70
N SER A 4 36.06 8.61 2.28
CA SER A 4 34.69 8.24 2.26
C SER A 4 34.41 7.91 3.72
N LEU A 5 33.15 7.98 4.07
CA LEU A 5 32.75 7.66 5.42
C LEU A 5 32.59 6.14 5.41
N ARG A 6 33.35 5.47 6.25
CA ARG A 6 33.29 4.02 6.29
C ARG A 6 32.73 3.55 7.62
N CYS A 7 31.73 2.68 7.57
CA CYS A 7 31.16 2.16 8.81
C CYS A 7 31.45 0.66 8.81
N ASN A 8 31.70 0.12 9.99
CA ASN A 8 32.01 -1.29 10.14
C ASN A 8 31.15 -1.95 11.18
N LEU A 9 30.32 -2.88 10.75
CA LEU A 9 29.44 -3.58 11.66
C LEU A 9 30.04 -4.93 11.92
N THR A 10 29.90 -5.40 13.15
CA THR A 10 30.44 -6.69 13.54
C THR A 10 29.39 -7.38 14.32
N ILE A 11 28.80 -8.41 13.72
CA ILE A 11 27.78 -9.18 14.40
C ILE A 11 28.31 -10.56 14.71
N LYS A 12 28.34 -10.90 15.98
CA LYS A 12 28.80 -12.20 16.41
C LYS A 12 27.73 -12.81 17.28
N ASP A 13 28.10 -13.88 17.96
CA ASP A 13 27.19 -14.56 18.85
C ASP A 13 27.58 -14.09 20.24
N PRO A 14 26.60 -13.94 21.15
CA PRO A 14 27.06 -13.50 22.47
C PRO A 14 28.03 -14.56 22.97
N THR A 15 28.39 -14.50 24.24
CA THR A 15 29.33 -15.44 24.84
C THR A 15 29.83 -14.70 26.04
N PRO A 16 29.34 -15.03 27.25
CA PRO A 16 29.81 -14.33 28.44
C PRO A 16 31.34 -14.14 28.48
N ALA A 17 32.01 -14.64 27.44
CA ALA A 17 33.46 -14.52 27.27
C ALA A 17 33.71 -13.21 26.48
N ASP A 18 32.75 -12.86 25.62
CA ASP A 18 32.73 -11.66 24.78
C ASP A 18 31.25 -11.39 24.46
N PRO A 19 30.48 -10.90 25.45
CA PRO A 19 29.04 -10.62 25.29
C PRO A 19 28.62 -9.84 24.06
N LEU A 20 29.17 -8.65 23.88
CA LEU A 20 28.87 -7.80 22.75
C LEU A 20 28.46 -8.64 21.55
N TRP A 21 27.19 -8.55 21.16
CA TRP A 21 26.71 -9.30 20.01
C TRP A 21 26.66 -8.46 18.76
N TYR A 22 27.07 -7.20 18.88
CA TYR A 22 27.12 -6.27 17.75
C TYR A 22 27.95 -5.06 18.14
N GLU A 23 28.66 -4.51 17.16
CA GLU A 23 29.51 -3.35 17.38
C GLU A 23 29.67 -2.65 16.05
N ALA A 24 29.70 -1.31 16.08
CA ALA A 24 29.84 -0.55 14.84
C ALA A 24 30.74 0.66 15.04
N LYS A 25 31.53 0.97 14.02
CA LYS A 25 32.43 2.11 14.08
C LYS A 25 32.44 2.78 12.72
N CYS A 26 32.19 4.09 12.69
CA CYS A 26 32.23 4.80 11.42
C CYS A 26 33.33 5.86 11.54
N PHE A 27 34.28 5.83 10.62
CA PHE A 27 35.35 6.82 10.63
C PHE A 27 35.47 7.41 9.25
N VAL A 28 36.08 8.60 9.18
CA VAL A 28 36.36 9.23 7.89
C VAL A 28 37.85 9.37 8.01
N GLY A 29 38.58 8.47 7.38
CA GLY A 29 40.03 8.50 7.49
C GLY A 29 40.39 7.97 8.87
N GLU A 30 40.71 8.86 9.80
CA GLU A 30 41.06 8.44 11.16
C GLU A 30 40.03 8.97 12.14
N ILE A 31 39.33 10.03 11.75
CA ILE A 31 38.33 10.65 12.60
C ILE A 31 37.15 9.72 12.93
N LEU A 32 37.04 9.33 14.20
CA LEU A 32 35.94 8.49 14.67
C LEU A 32 34.71 9.36 14.71
N ILE A 33 33.53 8.76 14.64
CA ILE A 33 32.29 9.50 14.63
C ILE A 33 31.37 8.82 15.62
N LEU A 34 30.97 7.63 15.20
CA LEU A 34 30.06 6.74 15.88
C LEU A 34 30.76 5.50 16.42
N HIS A 35 30.29 4.99 17.55
CA HIS A 35 30.81 3.78 18.12
C HIS A 35 29.66 3.25 18.96
N LEU A 36 28.94 2.27 18.43
CA LEU A 36 27.80 1.69 19.13
C LEU A 36 28.06 0.23 19.45
N SER A 37 27.20 -0.31 20.31
CA SER A 37 27.28 -1.71 20.74
C SER A 37 26.13 -1.86 21.73
N ASN A 38 25.87 -3.09 22.16
CA ASN A 38 24.80 -3.33 23.10
C ASN A 38 25.21 -3.23 24.57
N ILE A 39 26.44 -2.84 24.85
CA ILE A 39 26.87 -2.73 26.25
C ILE A 39 26.29 -1.54 27.02
N ASN A 40 27.13 -0.61 27.51
CA ASN A 40 26.61 0.53 28.29
C ASN A 40 27.05 1.97 27.99
N LYS A 41 26.77 2.85 28.96
CA LYS A 41 27.00 4.31 28.90
C LYS A 41 28.10 4.96 29.78
N THR A 42 28.47 6.20 29.41
CA THR A 42 29.51 7.05 30.07
C THR A 42 29.60 8.46 29.41
N MET A 43 30.48 8.43 28.39
CA MET A 43 30.98 9.42 27.42
C MET A 43 32.28 10.20 27.76
N THR A 44 33.34 9.70 27.11
CA THR A 44 34.76 10.13 27.18
C THR A 44 35.28 11.02 26.02
N SER A 45 36.12 12.01 26.34
CA SER A 45 36.73 12.89 25.31
C SER A 45 38.26 12.96 25.48
N GLY A 46 38.98 13.18 24.39
CA GLY A 46 40.44 13.29 24.44
C GLY A 46 40.87 14.55 23.72
N ASP A 47 39.88 15.14 23.04
CA ASP A 47 39.97 16.38 22.27
C ASP A 47 38.74 16.52 21.33
N PRO A 48 38.42 15.45 20.55
CA PRO A 48 37.28 15.48 19.62
C PRO A 48 35.85 15.48 20.19
N GLY A 49 35.09 14.43 19.89
CA GLY A 49 33.72 14.31 20.39
C GLY A 49 32.62 15.13 19.73
N GLU A 50 32.97 16.22 19.06
CA GLU A 50 31.94 17.08 18.44
C GLU A 50 32.01 17.39 16.96
N THR A 51 32.89 18.32 16.59
CA THR A 51 33.00 18.76 15.21
C THR A 51 31.60 18.84 14.60
N ALA A 52 30.70 19.46 15.37
CA ALA A 52 29.29 19.69 15.04
C ALA A 52 28.61 18.90 13.91
N ASN A 53 29.26 18.79 12.75
CA ASN A 53 28.71 18.04 11.62
C ASN A 53 28.76 16.54 11.89
N ALA A 54 29.59 16.14 12.84
CA ALA A 54 29.74 14.74 13.20
C ALA A 54 28.61 14.35 14.14
N THR A 55 28.22 15.29 14.99
CA THR A 55 27.13 15.05 15.92
C THR A 55 25.86 14.99 15.07
N GLU A 56 25.92 15.62 13.91
CA GLU A 56 24.78 15.63 13.00
C GLU A 56 24.64 14.26 12.34
N VAL A 57 25.75 13.78 11.80
CA VAL A 57 25.81 12.49 11.13
C VAL A 57 25.63 11.40 12.18
N LYS A 58 26.21 11.61 13.35
CA LYS A 58 26.08 10.65 14.45
C LYS A 58 24.60 10.43 14.76
N LYS A 59 23.83 11.52 14.89
CA LYS A 59 22.40 11.44 15.18
C LYS A 59 21.59 10.79 14.07
N CYS A 60 21.97 11.07 12.83
CA CYS A 60 21.27 10.48 11.70
C CYS A 60 21.43 8.95 11.58
N LEU A 61 22.68 8.48 11.68
CA LEU A 61 23.02 7.08 11.57
C LEU A 61 22.61 6.17 12.72
N THR A 62 22.75 6.65 13.96
CA THR A 62 22.48 5.79 15.08
C THR A 62 21.32 4.81 14.96
N GLN A 63 20.06 5.25 14.89
CA GLN A 63 19.00 4.25 14.81
C GLN A 63 19.01 3.40 13.55
N PRO A 64 19.02 4.01 12.36
CA PRO A 64 19.03 3.15 11.18
C PRO A 64 20.12 2.07 11.24
N LEU A 65 21.26 2.40 11.84
CA LEU A 65 22.36 1.42 11.99
C LEU A 65 21.98 0.37 13.01
N LYS A 66 21.48 0.81 14.15
CA LYS A 66 21.06 -0.12 15.20
C LYS A 66 20.05 -1.14 14.69
N ASN A 67 19.09 -0.68 13.89
CA ASN A 67 18.07 -1.56 13.35
C ASN A 67 18.68 -2.53 12.36
N LEU A 68 19.76 -2.11 11.72
CA LEU A 68 20.42 -2.96 10.74
C LEU A 68 21.10 -4.11 11.45
N CYS A 69 21.79 -3.82 12.53
CA CYS A 69 22.45 -4.88 13.27
C CYS A 69 21.42 -5.83 13.80
N GLN A 70 20.30 -5.29 14.23
CA GLN A 70 19.23 -6.11 14.75
C GLN A 70 18.81 -7.06 13.61
N LYS A 71 18.55 -6.50 12.43
CA LYS A 71 18.14 -7.24 11.25
C LYS A 71 19.12 -8.36 10.94
N LEU A 72 20.39 -7.98 10.84
CA LEU A 72 21.47 -8.91 10.53
C LEU A 72 21.73 -9.96 11.58
N ARG A 73 21.38 -9.69 12.83
CA ARG A 73 21.61 -10.69 13.87
C ARG A 73 20.66 -11.86 13.64
N ASN A 74 19.51 -11.60 13.02
CA ASN A 74 18.56 -12.66 12.78
C ASN A 74 18.84 -13.28 11.43
N LYS A 75 19.23 -12.43 10.49
CA LYS A 75 19.55 -12.83 9.13
C LYS A 75 20.65 -13.88 9.14
N VAL A 76 21.58 -13.73 10.07
CA VAL A 76 22.71 -14.62 10.21
C VAL A 76 22.43 -15.90 10.99
N SER A 77 21.66 -15.81 12.08
CA SER A 77 21.35 -16.99 12.87
C SER A 77 20.42 -17.93 12.10
N ASN A 78 19.63 -17.34 11.21
CA ASN A 78 18.69 -18.07 10.39
C ASN A 78 19.44 -18.79 9.25
N THR A 79 20.61 -18.29 8.92
CA THR A 79 21.43 -18.84 7.82
C THR A 79 22.19 -20.13 8.08
N LYS A 80 22.17 -21.00 7.06
CA LYS A 80 22.86 -22.30 7.10
C LYS A 80 24.17 -22.19 6.33
N VAL A 81 25.26 -22.66 6.94
CA VAL A 81 26.58 -22.63 6.31
C VAL A 81 27.14 -24.02 6.04
N ASP A 82 28.45 -24.17 6.26
CA ASP A 82 29.16 -25.44 6.07
C ASP A 82 29.76 -25.89 7.40
N THR A 83 29.80 -24.96 8.35
CA THR A 83 30.36 -25.21 9.68
C THR A 83 29.42 -25.90 10.67
N HIS A 84 30.03 -26.53 11.68
CA HIS A 84 29.29 -27.22 12.73
C HIS A 84 28.93 -26.27 13.86
N LYS A 85 27.64 -26.19 14.17
CA LYS A 85 27.11 -25.33 15.21
C LYS A 85 27.37 -25.88 16.62
N THR A 86 27.43 -24.98 17.58
CA THR A 86 27.65 -25.33 18.98
C THR A 86 26.46 -24.79 19.79
N ASN A 87 25.95 -23.65 19.36
CA ASN A 87 24.82 -22.95 19.98
C ASN A 87 24.73 -21.64 19.21
N GLY A 88 24.74 -21.78 17.89
CA GLY A 88 24.74 -20.62 17.00
C GLY A 88 26.18 -20.71 16.55
N TYR A 89 26.74 -19.65 15.96
CA TYR A 89 28.14 -19.73 15.54
C TYR A 89 28.62 -18.71 14.52
N PRO A 90 27.74 -18.26 13.62
CA PRO A 90 28.20 -17.30 12.62
C PRO A 90 28.99 -16.09 13.15
N HIS A 91 29.66 -15.42 12.23
CA HIS A 91 30.43 -14.22 12.51
C HIS A 91 30.35 -13.36 11.25
N LEU A 92 29.63 -12.25 11.33
CA LEU A 92 29.47 -11.39 10.19
C LEU A 92 30.30 -10.14 10.26
N GLN A 93 30.66 -9.62 9.10
CA GLN A 93 31.48 -8.43 9.00
C GLN A 93 30.94 -7.54 7.88
N VAL A 94 30.31 -6.41 8.22
CA VAL A 94 29.81 -5.53 7.18
C VAL A 94 30.55 -4.22 7.12
N THR A 95 30.70 -3.72 5.90
CA THR A 95 31.40 -2.50 5.66
C THR A 95 30.76 -1.65 4.59
N MET A 96 30.20 -0.51 5.00
CA MET A 96 29.59 0.39 4.05
C MET A 96 30.63 1.46 3.75
N ILE A 97 30.75 1.81 2.48
CA ILE A 97 31.72 2.80 2.09
C ILE A 97 31.04 3.90 1.32
N TYR A 98 30.87 5.03 2.01
CA TYR A 98 30.21 6.17 1.42
C TYR A 98 31.18 7.26 1.01
N PRO A 99 31.34 7.46 -0.30
CA PRO A 99 32.23 8.47 -0.86
C PRO A 99 31.48 9.78 -1.03
N GLN A 100 32.20 10.89 -1.09
CA GLN A 100 31.53 12.15 -1.21
C GLN A 100 30.80 12.35 -2.53
N SER A 101 29.51 12.57 -2.40
CA SER A 101 28.67 12.81 -3.55
C SER A 101 28.57 14.29 -3.81
N GLN A 102 29.04 14.61 -5.00
CA GLN A 102 29.08 15.92 -5.63
C GLN A 102 28.43 15.21 -6.79
N GLY A 103 28.88 13.96 -6.86
CA GLY A 103 28.46 13.01 -7.85
C GLY A 103 26.98 12.85 -7.69
N ARG A 104 26.38 12.49 -8.80
CA ARG A 104 24.96 12.29 -8.86
C ARG A 104 24.49 11.38 -7.75
N THR A 105 23.18 11.34 -7.57
CA THR A 105 22.52 10.51 -6.58
C THR A 105 23.48 9.73 -5.69
N PRO A 106 23.45 10.01 -4.38
CA PRO A 106 24.28 9.38 -3.35
C PRO A 106 24.27 7.85 -3.43
N SER A 107 25.46 7.25 -3.44
CA SER A 107 25.58 5.81 -3.48
C SER A 107 26.64 5.34 -2.51
N ALA A 108 26.51 4.09 -2.08
CA ALA A 108 27.47 3.49 -1.18
C ALA A 108 27.57 2.04 -1.60
N THR A 109 28.52 1.33 -1.01
CA THR A 109 28.67 -0.08 -1.31
C THR A 109 28.72 -0.78 0.04
N TRP A 110 27.88 -1.79 0.17
CA TRP A 110 27.83 -2.55 1.38
C TRP A 110 28.54 -3.86 1.12
N GLU A 111 29.58 -4.16 1.91
CA GLU A 111 30.35 -5.38 1.73
C GLU A 111 30.09 -6.36 2.86
N PHE A 112 29.77 -7.60 2.52
CA PHE A 112 29.52 -8.61 3.54
C PHE A 112 30.57 -9.72 3.54
N ASN A 113 31.01 -10.05 4.74
CA ASN A 113 32.00 -11.09 4.96
C ASN A 113 31.47 -11.98 6.05
N ILE A 114 31.05 -13.19 5.68
CA ILE A 114 30.55 -14.12 6.65
C ILE A 114 31.61 -15.16 7.00
N SER A 115 31.96 -15.25 8.28
CA SER A 115 32.94 -16.21 8.76
C SER A 115 34.28 -16.21 8.03
N ASP A 116 34.52 -15.19 7.22
CA ASP A 116 35.76 -15.08 6.47
C ASP A 116 35.76 -16.06 5.33
N SER A 117 34.62 -16.73 5.15
CA SER A 117 34.44 -17.69 4.09
C SER A 117 33.59 -17.18 2.92
N TYR A 118 32.46 -16.53 3.22
CA TYR A 118 31.57 -16.03 2.18
C TYR A 118 31.60 -14.51 1.99
N PHE A 119 31.67 -14.10 0.73
CA PHE A 119 31.73 -12.70 0.42
C PHE A 119 30.79 -12.32 -0.71
N PHE A 120 30.13 -11.18 -0.56
CA PHE A 120 29.24 -10.66 -1.59
C PHE A 120 29.00 -9.20 -1.28
N THR A 121 28.60 -8.44 -2.29
CA THR A 121 28.42 -7.01 -2.14
C THR A 121 27.14 -6.46 -2.74
N PHE A 122 26.72 -5.30 -2.23
CA PHE A 122 25.53 -4.60 -2.69
C PHE A 122 25.92 -3.19 -3.13
N TYR A 123 25.53 -2.82 -4.34
CA TYR A 123 25.85 -1.49 -4.82
C TYR A 123 24.58 -0.63 -4.90
N THR A 124 24.49 0.33 -3.98
CA THR A 124 23.36 1.23 -3.92
C THR A 124 23.19 2.03 -5.20
N GLU A 125 24.28 2.33 -5.89
CA GLU A 125 24.22 3.10 -7.13
C GLU A 125 23.20 2.55 -8.14
N ASN A 126 23.42 1.32 -8.58
CA ASN A 126 22.52 0.68 -9.53
C ASN A 126 21.75 -0.47 -8.92
N MET A 127 21.60 -0.45 -7.60
CA MET A 127 20.86 -1.49 -6.89
C MET A 127 21.27 -2.90 -7.34
N SER A 128 22.56 -3.22 -7.27
CA SER A 128 23.01 -4.53 -7.72
C SER A 128 23.86 -5.31 -6.73
N TRP A 129 23.95 -6.61 -6.97
CA TRP A 129 24.72 -7.50 -6.11
C TRP A 129 25.79 -8.28 -6.88
N ARG A 130 26.93 -8.48 -6.23
CA ARG A 130 28.04 -9.23 -6.78
C ARG A 130 28.49 -10.19 -5.71
N SER A 131 28.85 -11.40 -6.10
CA SER A 131 29.32 -12.39 -5.14
C SER A 131 30.70 -12.88 -5.57
N ALA A 132 31.48 -13.35 -4.61
CA ALA A 132 32.84 -13.82 -4.84
C ALA A 132 32.88 -15.12 -5.63
N ASN A 133 31.84 -15.92 -5.48
CA ASN A 133 31.72 -17.22 -6.15
C ASN A 133 30.27 -17.67 -5.96
N ASP A 134 29.93 -18.86 -6.46
CA ASP A 134 28.57 -19.36 -6.34
C ASP A 134 28.26 -19.85 -4.94
N GLU A 135 29.29 -20.21 -4.19
CA GLU A 135 29.09 -20.69 -2.82
C GLU A 135 28.55 -19.54 -1.97
N SER A 136 29.02 -18.33 -2.26
CA SER A 136 28.62 -17.12 -1.56
C SER A 136 27.34 -16.57 -2.12
N GLY A 137 27.23 -16.66 -3.45
CA GLY A 137 26.05 -16.17 -4.12
C GLY A 137 24.81 -16.90 -3.63
N VAL A 138 24.99 -18.03 -2.96
CA VAL A 138 23.84 -18.76 -2.46
C VAL A 138 23.18 -17.99 -1.32
N ILE A 139 23.99 -17.60 -0.35
CA ILE A 139 23.48 -16.86 0.78
C ILE A 139 22.92 -15.54 0.22
N MET A 140 23.75 -14.88 -0.57
CA MET A 140 23.40 -13.61 -1.17
C MET A 140 21.96 -13.62 -1.69
N ASN A 141 21.64 -14.60 -2.52
CA ASN A 141 20.31 -14.68 -3.10
C ASN A 141 19.19 -14.90 -2.11
N LYS A 142 19.53 -15.37 -0.92
CA LYS A 142 18.51 -15.56 0.10
C LYS A 142 18.29 -14.19 0.73
N TRP A 143 19.40 -13.51 1.00
CA TRP A 143 19.36 -12.20 1.60
C TRP A 143 18.75 -11.18 0.67
N LYS A 144 19.28 -11.06 -0.54
CA LYS A 144 18.76 -10.07 -1.49
C LYS A 144 17.27 -10.26 -1.69
N ASP A 145 16.78 -11.43 -1.32
CA ASP A 145 15.37 -11.68 -1.51
C ASP A 145 14.56 -11.23 -0.34
N ASP A 146 15.25 -10.61 0.62
CA ASP A 146 14.58 -10.09 1.80
C ASP A 146 14.33 -8.59 1.60
N GLY A 147 13.09 -8.26 1.21
CA GLY A 147 12.72 -6.89 0.97
C GLY A 147 13.05 -5.86 2.03
N GLU A 148 12.63 -6.09 3.28
CA GLU A 148 12.92 -5.15 4.34
C GLU A 148 14.41 -4.95 4.54
N PHE A 149 15.17 -6.04 4.57
CA PHE A 149 16.62 -5.96 4.73
C PHE A 149 17.28 -5.13 3.60
N VAL A 150 16.86 -5.33 2.36
CA VAL A 150 17.45 -4.54 1.29
C VAL A 150 17.05 -3.09 1.47
N LYS A 151 15.78 -2.84 1.77
CA LYS A 151 15.29 -1.47 1.99
C LYS A 151 16.14 -0.75 3.03
N GLN A 152 16.31 -1.38 4.17
CA GLN A 152 17.13 -0.79 5.20
C GLN A 152 18.48 -0.31 4.65
N LEU A 153 19.08 -1.10 3.77
CA LEU A 153 20.39 -0.74 3.20
C LEU A 153 20.37 0.53 2.37
N LYS A 154 19.36 0.67 1.52
CA LYS A 154 19.25 1.83 0.66
C LYS A 154 18.83 3.05 1.49
N PHE A 155 17.79 2.88 2.29
CA PHE A 155 17.28 3.93 3.13
C PHE A 155 18.32 4.52 4.07
N LEU A 156 19.17 3.67 4.63
CA LEU A 156 20.21 4.17 5.52
C LEU A 156 20.98 5.23 4.74
N ILE A 157 21.27 4.94 3.48
CA ILE A 157 22.02 5.88 2.66
C ILE A 157 21.21 7.08 2.23
N HIS A 158 20.04 6.86 1.64
CA HIS A 158 19.18 7.96 1.17
C HIS A 158 19.04 9.00 2.26
N GLU A 159 18.69 8.52 3.44
CA GLU A 159 18.49 9.28 4.67
C GLU A 159 19.66 10.19 5.11
N CYS A 160 20.75 9.58 5.59
CA CYS A 160 21.92 10.31 6.06
C CYS A 160 22.86 10.80 4.96
N SER A 161 22.33 10.84 3.75
CA SER A 161 23.11 11.24 2.59
C SER A 161 23.76 12.61 2.73
N GLN A 162 22.90 13.64 2.82
CA GLN A 162 23.37 15.01 2.93
C GLN A 162 24.30 15.28 4.10
N LYS A 163 23.89 14.84 5.28
CA LYS A 163 24.68 15.05 6.47
C LYS A 163 26.05 14.41 6.40
N MET A 164 26.17 13.32 5.63
CA MET A 164 27.46 12.68 5.49
C MET A 164 28.26 13.48 4.49
N ASP A 165 27.59 14.01 3.47
CA ASP A 165 28.29 14.82 2.48
C ASP A 165 28.85 16.09 3.10
N GLU A 166 28.03 16.73 3.93
CA GLU A 166 28.47 17.93 4.59
C GLU A 166 29.65 17.63 5.49
N PHE A 167 29.57 16.56 6.27
CA PHE A 167 30.67 16.22 7.15
C PHE A 167 31.93 15.91 6.35
N LEU A 168 31.76 15.35 5.16
CA LEU A 168 32.92 15.01 4.35
C LEU A 168 33.59 16.25 3.79
N LYS A 169 32.79 17.26 3.47
CA LYS A 169 33.34 18.51 2.93
C LYS A 169 34.19 19.19 3.99
N GLN A 170 33.61 19.39 5.16
CA GLN A 170 34.36 20.04 6.23
C GLN A 170 35.57 19.21 6.65
N SER A 171 35.42 17.89 6.62
CA SER A 171 36.50 16.99 7.03
C SER A 171 37.80 17.05 6.24
N LYS A 172 38.87 16.71 6.95
CA LYS A 172 40.24 16.71 6.43
C LYS A 172 40.59 18.09 5.91
N GLU A 173 40.02 19.11 6.56
CA GLU A 173 40.22 20.52 6.22
C GLU A 173 40.26 21.45 7.43
N LYS A 174 41.46 21.88 7.82
CA LYS A 174 41.65 22.80 8.94
C LYS A 174 42.47 24.02 8.51
N ASP B 1 -21.43 -28.24 0.35
CA ASP B 1 -20.68 -29.16 1.27
C ASP B 1 -19.59 -29.91 0.53
N ALA B 2 -18.46 -29.26 0.32
CA ALA B 2 -17.34 -29.87 -0.37
C ALA B 2 -16.17 -29.93 0.58
N HIS B 3 -15.37 -30.98 0.47
CA HIS B 3 -14.24 -31.06 1.36
C HIS B 3 -12.88 -31.06 0.75
N SER B 4 -12.10 -30.11 1.27
CA SER B 4 -10.76 -29.86 0.86
C SER B 4 -9.81 -30.15 2.00
N LEU B 5 -8.55 -30.03 1.69
CA LEU B 5 -7.44 -30.29 2.60
C LEU B 5 -7.02 -29.05 3.38
N ARG B 6 -6.98 -29.18 4.70
CA ARG B 6 -6.59 -28.08 5.57
C ARG B 6 -5.43 -28.49 6.47
N CYS B 7 -4.54 -27.55 6.76
CA CYS B 7 -3.42 -27.80 7.66
C CYS B 7 -3.43 -26.67 8.69
N ASN B 8 -3.42 -27.04 9.96
CA ASN B 8 -3.42 -26.05 11.00
C ASN B 8 -2.05 -26.02 11.64
N LEU B 9 -1.43 -24.84 11.58
CA LEU B 9 -0.10 -24.66 12.15
C LEU B 9 -0.19 -23.78 13.36
N THR B 10 0.36 -24.26 14.45
CA THR B 10 0.37 -23.50 15.67
C THR B 10 1.82 -23.16 15.99
N ILE B 11 2.06 -21.97 16.50
CA ILE B 11 3.39 -21.59 16.85
C ILE B 11 3.26 -20.87 18.16
N LYS B 12 3.52 -21.61 19.25
CA LYS B 12 3.43 -21.10 20.61
C LYS B 12 4.79 -20.65 21.06
N ASP B 13 4.88 -20.27 22.32
CA ASP B 13 6.15 -19.84 22.89
C ASP B 13 6.53 -20.96 23.85
N PRO B 14 7.72 -21.58 23.62
CA PRO B 14 8.20 -22.68 24.47
C PRO B 14 8.06 -22.44 25.97
N THR B 15 7.33 -23.33 26.62
CA THR B 15 7.11 -23.26 28.06
C THR B 15 7.62 -24.57 28.64
N PRO B 16 8.14 -24.54 29.88
CA PRO B 16 8.62 -25.80 30.45
C PRO B 16 7.52 -26.85 30.44
N ALA B 17 6.28 -26.40 30.65
CA ALA B 17 5.12 -27.29 30.68
C ALA B 17 4.48 -27.55 29.31
N ASP B 18 5.15 -27.17 28.24
CA ASP B 18 4.66 -27.35 26.87
C ASP B 18 5.63 -26.70 25.89
N PRO B 19 6.91 -27.12 25.92
CA PRO B 19 7.97 -26.60 25.05
C PRO B 19 7.74 -26.86 23.56
N LEU B 20 6.49 -27.13 23.21
CA LEU B 20 6.11 -27.37 21.83
C LEU B 20 6.03 -26.01 21.16
N TRP B 21 7.10 -25.57 20.52
CA TRP B 21 7.07 -24.27 19.88
C TRP B 21 6.35 -24.27 18.54
N TYR B 22 5.93 -25.43 18.07
CA TYR B 22 5.19 -25.51 16.83
C TYR B 22 4.50 -26.86 16.69
N GLU B 23 3.34 -26.87 16.04
CA GLU B 23 2.59 -28.10 15.84
C GLU B 23 1.83 -27.96 14.54
N ALA B 24 1.58 -29.07 13.88
CA ALA B 24 0.85 -29.02 12.62
C ALA B 24 0.02 -30.27 12.48
N LYS B 25 -1.25 -30.08 12.13
CA LYS B 25 -2.17 -31.19 11.94
C LYS B 25 -2.83 -30.89 10.62
N CYS B 26 -3.01 -31.90 9.78
CA CYS B 26 -3.69 -31.67 8.52
C CYS B 26 -4.72 -32.78 8.37
N PHE B 27 -5.90 -32.43 7.86
CA PHE B 27 -6.93 -33.42 7.60
C PHE B 27 -7.82 -33.07 6.43
N VAL B 28 -8.69 -34.01 6.11
CA VAL B 28 -9.69 -33.89 5.06
C VAL B 28 -10.92 -34.28 5.85
N GLY B 29 -11.91 -33.42 5.91
CA GLY B 29 -13.07 -33.76 6.71
C GLY B 29 -12.54 -33.93 8.12
N GLU B 30 -12.74 -35.11 8.71
CA GLU B 30 -12.25 -35.35 10.05
C GLU B 30 -11.06 -36.31 9.96
N ILE B 31 -10.91 -36.93 8.81
CA ILE B 31 -9.82 -37.86 8.54
C ILE B 31 -8.49 -37.12 8.73
N LEU B 32 -7.70 -37.49 9.74
CA LEU B 32 -6.43 -36.84 9.93
C LEU B 32 -5.45 -37.34 8.89
N ILE B 33 -4.41 -36.56 8.63
CA ILE B 33 -3.44 -36.94 7.64
C ILE B 33 -2.05 -36.86 8.19
N LEU B 34 -1.74 -35.74 8.82
CA LEU B 34 -0.40 -35.58 9.30
C LEU B 34 -0.35 -34.81 10.61
N HIS B 35 0.44 -35.32 11.56
CA HIS B 35 0.59 -34.62 12.82
C HIS B 35 2.09 -34.48 13.13
N LEU B 36 2.60 -33.27 13.04
CA LEU B 36 4.02 -33.00 13.29
C LEU B 36 4.23 -32.04 14.42
N SER B 37 5.46 -31.95 14.90
CA SER B 37 5.83 -31.05 15.98
C SER B 37 7.23 -31.38 16.43
N ASN B 38 7.89 -30.46 17.11
CA ASN B 38 9.23 -30.73 17.61
C ASN B 38 9.00 -31.72 18.76
N ILE B 39 9.73 -32.83 18.74
CA ILE B 39 9.65 -33.89 19.76
C ILE B 39 8.72 -35.06 19.39
N ASN B 40 7.74 -34.80 18.53
CA ASN B 40 6.80 -35.85 18.14
C ASN B 40 6.51 -35.97 16.64
N LYS B 41 6.27 -37.20 16.22
CA LYS B 41 5.96 -37.52 14.82
C LYS B 41 5.23 -38.87 14.86
N THR B 42 4.02 -38.89 14.32
CA THR B 42 3.22 -40.11 14.31
C THR B 42 2.40 -40.23 13.06
N MET B 43 1.64 -41.32 12.98
CA MET B 43 0.76 -41.68 11.87
C MET B 43 0.63 -43.20 11.90
N THR B 44 -0.45 -43.73 11.34
CA THR B 44 -0.60 -45.19 11.27
C THR B 44 -1.37 -45.66 10.02
N SER B 45 -0.61 -46.35 9.18
CA SER B 45 -1.05 -46.85 7.87
C SER B 45 -0.79 -48.33 7.56
N GLY B 46 -1.28 -48.76 6.39
CA GLY B 46 -1.16 -50.13 5.93
C GLY B 46 -2.46 -50.53 5.26
N ASP B 47 -3.29 -49.54 4.96
CA ASP B 47 -4.61 -49.70 4.34
C ASP B 47 -4.61 -49.57 2.80
N PRO B 48 -5.79 -49.75 2.15
CA PRO B 48 -5.96 -49.65 0.69
C PRO B 48 -5.65 -48.27 0.07
N GLY B 49 -6.58 -47.78 -0.76
CA GLY B 49 -6.42 -46.50 -1.41
C GLY B 49 -6.64 -45.35 -0.46
N GLU B 50 -6.43 -45.61 0.83
CA GLU B 50 -6.60 -44.61 1.88
C GLU B 50 -5.25 -44.09 2.37
N THR B 51 -4.76 -44.64 3.49
CA THR B 51 -3.49 -44.20 4.03
C THR B 51 -2.32 -44.48 3.09
N ALA B 52 -2.61 -45.01 1.91
CA ALA B 52 -1.56 -45.29 0.92
C ALA B 52 -1.20 -43.96 0.27
N ASN B 53 -2.21 -43.13 0.04
CA ASN B 53 -2.01 -41.81 -0.53
C ASN B 53 -1.75 -40.85 0.61
N ALA B 54 -2.34 -41.16 1.76
CA ALA B 54 -2.16 -40.36 2.96
C ALA B 54 -0.66 -40.37 3.22
N THR B 55 -0.03 -41.48 2.85
CA THR B 55 1.40 -41.64 3.04
C THR B 55 2.21 -40.89 1.99
N GLU B 56 1.79 -40.92 0.72
CA GLU B 56 2.58 -40.19 -0.26
C GLU B 56 2.40 -38.69 -0.09
N VAL B 57 1.23 -38.29 0.39
CA VAL B 57 0.90 -36.89 0.62
C VAL B 57 1.60 -36.45 1.91
N LYS B 58 1.53 -37.30 2.92
CA LYS B 58 2.17 -37.00 4.20
C LYS B 58 3.66 -36.84 3.95
N LYS B 59 4.14 -37.44 2.87
CA LYS B 59 5.55 -37.36 2.54
C LYS B 59 5.89 -36.08 1.79
N CYS B 60 4.92 -35.56 1.04
CA CYS B 60 5.12 -34.34 0.28
C CYS B 60 5.14 -33.09 1.18
N LEU B 61 4.44 -33.14 2.30
CA LEU B 61 4.35 -32.00 3.20
C LEU B 61 5.30 -31.94 4.38
N THR B 62 5.44 -33.05 5.09
CA THR B 62 6.29 -33.08 6.26
C THR B 62 7.41 -32.04 6.32
N GLN B 63 8.28 -32.03 5.31
CA GLN B 63 9.36 -31.05 5.33
C GLN B 63 8.96 -29.64 4.95
N PRO B 64 8.39 -29.46 3.75
CA PRO B 64 7.99 -28.09 3.38
C PRO B 64 7.27 -27.39 4.53
N LEU B 65 6.52 -28.16 5.32
CA LEU B 65 5.84 -27.59 6.47
C LEU B 65 6.83 -27.34 7.58
N LYS B 66 7.63 -28.35 7.89
CA LYS B 66 8.60 -28.18 8.95
C LYS B 66 9.42 -26.91 8.71
N ASN B 67 9.73 -26.64 7.46
CA ASN B 67 10.50 -25.48 7.10
C ASN B 67 9.72 -24.20 7.25
N LEU B 68 8.42 -24.26 6.97
CA LEU B 68 7.59 -23.09 7.10
C LEU B 68 7.56 -22.72 8.58
N CYS B 69 7.19 -23.67 9.43
CA CYS B 69 7.16 -23.41 10.88
C CYS B 69 8.47 -22.81 11.34
N GLN B 70 9.56 -23.20 10.70
CA GLN B 70 10.86 -22.66 11.10
C GLN B 70 10.80 -21.17 10.79
N LYS B 71 10.54 -20.84 9.52
CA LYS B 71 10.44 -19.46 9.06
C LYS B 71 9.45 -18.69 9.92
N LEU B 72 8.26 -19.25 10.15
CA LEU B 72 7.25 -18.58 10.94
C LEU B 72 7.66 -18.29 12.36
N ARG B 73 8.65 -19.00 12.90
CA ARG B 73 9.04 -18.74 14.29
C ARG B 73 9.86 -17.47 14.44
N ASN B 74 10.83 -17.27 13.54
CA ASN B 74 11.63 -16.07 13.63
C ASN B 74 10.71 -14.94 13.26
N LYS B 75 9.89 -15.19 12.24
CA LYS B 75 8.95 -14.21 11.72
C LYS B 75 8.07 -13.58 12.79
N VAL B 76 7.58 -14.38 13.74
CA VAL B 76 6.70 -13.83 14.79
C VAL B 76 7.45 -13.24 15.97
N SER B 77 8.66 -13.74 16.23
CA SER B 77 9.47 -13.22 17.33
C SER B 77 10.18 -11.95 16.85
N ASN B 78 10.11 -11.70 15.54
CA ASN B 78 10.72 -10.52 14.93
C ASN B 78 9.64 -9.51 14.53
N THR B 79 8.42 -9.69 15.02
CA THR B 79 7.33 -8.80 14.68
C THR B 79 7.00 -7.81 15.79
N LYS B 80 6.75 -6.56 15.39
CA LYS B 80 6.39 -5.49 16.29
C LYS B 80 4.95 -5.66 16.76
N VAL B 81 4.63 -6.85 17.29
CA VAL B 81 3.30 -7.13 17.79
C VAL B 81 3.11 -6.21 18.99
N ASP B 82 1.96 -5.54 19.12
CA ASP B 82 1.79 -4.61 20.24
C ASP B 82 0.67 -4.70 21.27
N THR B 83 0.78 -3.80 22.26
CA THR B 83 -0.10 -3.72 23.43
C THR B 83 0.23 -5.02 24.16
N HIS B 84 1.45 -5.04 24.69
CA HIS B 84 2.04 -6.18 25.39
C HIS B 84 1.66 -6.50 26.81
N LYS B 85 1.26 -7.74 27.04
CA LYS B 85 1.00 -8.22 28.38
C LYS B 85 2.35 -8.95 28.49
N THR B 86 3.23 -8.54 27.57
CA THR B 86 4.62 -8.98 27.36
C THR B 86 4.89 -10.48 27.10
N ASN B 87 4.07 -11.07 26.25
CA ASN B 87 4.16 -12.49 25.91
C ASN B 87 5.55 -13.06 25.55
N GLY B 88 6.51 -12.19 25.24
CA GLY B 88 7.84 -12.64 24.84
C GLY B 88 7.71 -12.57 23.33
N TYR B 89 7.05 -13.58 22.77
CA TYR B 89 6.77 -13.59 21.35
C TYR B 89 5.40 -14.26 21.30
N PRO B 90 4.46 -13.59 20.62
CA PRO B 90 3.05 -13.95 20.40
C PRO B 90 2.72 -15.31 19.79
N HIS B 91 1.51 -15.75 20.09
CA HIS B 91 0.97 -17.02 19.62
C HIS B 91 0.43 -16.92 18.21
N LEU B 92 1.04 -17.65 17.29
CA LEU B 92 0.60 -17.65 15.90
C LEU B 92 -0.19 -18.90 15.53
N GLN B 93 -1.23 -18.72 14.74
CA GLN B 93 -2.07 -19.83 14.32
C GLN B 93 -2.32 -19.66 12.82
N VAL B 94 -1.78 -20.56 12.02
CA VAL B 94 -1.95 -20.45 10.58
C VAL B 94 -2.87 -21.51 10.04
N THR B 95 -3.51 -21.22 8.91
CA THR B 95 -4.41 -22.17 8.28
C THR B 95 -4.26 -22.15 6.77
N MET B 96 -4.00 -23.33 6.22
CA MET B 96 -3.83 -23.48 4.79
C MET B 96 -5.04 -24.29 4.32
N ILE B 97 -5.71 -23.79 3.29
CA ILE B 97 -6.87 -24.47 2.77
C ILE B 97 -6.70 -24.81 1.32
N TYR B 98 -6.61 -26.10 1.02
CA TYR B 98 -6.45 -26.57 -0.35
C TYR B 98 -7.60 -27.42 -0.84
N PRO B 99 -8.28 -26.94 -1.88
CA PRO B 99 -9.42 -27.64 -2.49
C PRO B 99 -8.92 -28.38 -3.72
N GLN B 100 -9.39 -29.61 -3.90
CA GLN B 100 -8.96 -30.39 -5.05
C GLN B 100 -9.12 -29.50 -6.27
N SER B 101 -8.02 -29.24 -6.99
CA SER B 101 -8.06 -28.36 -8.15
C SER B 101 -8.97 -28.79 -9.29
N GLN B 102 -9.34 -30.06 -9.32
CA GLN B 102 -10.22 -30.60 -10.36
C GLN B 102 -10.09 -29.97 -11.75
N GLY B 103 -8.87 -29.66 -12.14
CA GLY B 103 -8.66 -29.06 -13.45
C GLY B 103 -8.23 -27.60 -13.43
N ARG B 104 -8.67 -26.87 -12.41
CA ARG B 104 -8.32 -25.47 -12.29
C ARG B 104 -6.87 -25.40 -11.84
N THR B 105 -6.31 -24.20 -11.78
CA THR B 105 -4.93 -24.05 -11.34
C THR B 105 -4.88 -24.18 -9.84
N PRO B 106 -4.09 -25.13 -9.34
CA PRO B 106 -3.94 -25.39 -7.91
C PRO B 106 -3.67 -24.09 -7.20
N SER B 107 -4.49 -23.82 -6.21
CA SER B 107 -4.34 -22.61 -5.45
C SER B 107 -4.84 -22.91 -4.06
N ALA B 108 -4.31 -22.19 -3.09
CA ALA B 108 -4.71 -22.38 -1.72
C ALA B 108 -4.86 -21.00 -1.11
N THR B 109 -5.22 -21.00 0.16
CA THR B 109 -5.36 -19.76 0.87
C THR B 109 -4.74 -20.00 2.25
N TRP B 110 -3.87 -19.09 2.64
CA TRP B 110 -3.21 -19.18 3.91
C TRP B 110 -3.79 -18.08 4.77
N GLU B 111 -4.21 -18.43 5.98
CA GLU B 111 -4.80 -17.45 6.86
C GLU B 111 -4.00 -17.37 8.14
N PHE B 112 -3.51 -16.18 8.42
CA PHE B 112 -2.73 -15.94 9.61
C PHE B 112 -3.55 -15.26 10.71
N ASN B 113 -3.33 -15.71 11.95
CA ASN B 113 -4.03 -15.20 13.10
C ASN B 113 -3.00 -15.03 14.20
N ILE B 114 -2.39 -13.86 14.26
CA ILE B 114 -1.41 -13.60 15.28
C ILE B 114 -2.10 -13.18 16.57
N SER B 115 -1.87 -13.93 17.64
CA SER B 115 -2.44 -13.66 18.96
C SER B 115 -3.91 -13.24 18.95
N ASP B 116 -4.67 -13.74 17.98
CA ASP B 116 -6.10 -13.42 17.89
C ASP B 116 -6.38 -11.93 17.70
N SER B 117 -5.32 -11.14 17.57
CA SER B 117 -5.49 -9.71 17.40
C SER B 117 -5.37 -9.29 15.94
N TYR B 118 -4.31 -9.71 15.27
CA TYR B 118 -4.08 -9.37 13.86
C TYR B 118 -4.46 -10.56 12.98
N PHE B 119 -4.92 -10.28 11.77
CA PHE B 119 -5.35 -11.28 10.83
C PHE B 119 -5.15 -10.83 9.41
N PHE B 120 -4.47 -11.62 8.59
CA PHE B 120 -4.31 -11.30 7.17
C PHE B 120 -4.35 -12.62 6.39
N THR B 121 -4.53 -12.54 5.08
CA THR B 121 -4.62 -13.73 4.27
C THR B 121 -3.84 -13.69 2.96
N PHE B 122 -3.36 -14.86 2.54
CA PHE B 122 -2.65 -14.95 1.29
C PHE B 122 -3.45 -15.85 0.38
N TYR B 123 -3.60 -15.43 -0.88
CA TYR B 123 -4.34 -16.20 -1.86
C TYR B 123 -3.31 -16.57 -2.94
N THR B 124 -2.87 -17.83 -2.96
CA THR B 124 -1.86 -18.25 -3.91
C THR B 124 -2.25 -18.03 -5.34
N GLU B 125 -3.54 -18.13 -5.64
CA GLU B 125 -3.96 -17.95 -7.02
C GLU B 125 -3.40 -16.68 -7.63
N ASN B 126 -3.96 -15.53 -7.25
CA ASN B 126 -3.46 -14.25 -7.77
C ASN B 126 -2.36 -13.69 -6.88
N MET B 127 -1.93 -14.49 -5.91
CA MET B 127 -0.89 -14.06 -4.98
C MET B 127 -1.22 -12.67 -4.44
N SER B 128 -2.41 -12.56 -3.88
CA SER B 128 -2.89 -11.31 -3.31
C SER B 128 -2.97 -11.42 -1.80
N TRP B 129 -2.80 -10.29 -1.12
CA TRP B 129 -2.89 -10.28 0.32
C TRP B 129 -4.08 -9.46 0.77
N ARG B 130 -4.76 -9.91 1.82
CA ARG B 130 -5.92 -9.20 2.31
C ARG B 130 -5.87 -9.08 3.83
N SER B 131 -5.96 -7.86 4.34
CA SER B 131 -5.93 -7.64 5.78
C SER B 131 -7.30 -7.28 6.34
N ALA B 132 -7.47 -7.50 7.64
CA ALA B 132 -8.73 -7.21 8.31
C ALA B 132 -8.73 -5.74 8.73
N ASN B 133 -7.64 -5.35 9.39
CA ASN B 133 -7.45 -4.00 9.87
C ASN B 133 -6.38 -3.35 9.04
N ASP B 134 -5.94 -2.20 9.50
CA ASP B 134 -4.87 -1.52 8.85
C ASP B 134 -3.80 -1.71 9.89
N GLU B 135 -4.22 -2.20 11.06
CA GLU B 135 -3.31 -2.49 12.16
C GLU B 135 -2.69 -3.86 11.85
N SER B 136 -3.44 -4.66 11.10
CA SER B 136 -3.00 -5.98 10.68
C SER B 136 -2.21 -5.77 9.40
N GLY B 137 -2.74 -4.90 8.56
CA GLY B 137 -2.10 -4.59 7.30
C GLY B 137 -0.65 -4.16 7.47
N VAL B 138 -0.29 -3.62 8.63
CA VAL B 138 1.08 -3.19 8.82
C VAL B 138 2.00 -4.40 8.85
N ILE B 139 1.69 -5.33 9.76
CA ILE B 139 2.45 -6.55 9.89
C ILE B 139 2.51 -7.24 8.54
N MET B 140 1.33 -7.54 8.01
CA MET B 140 1.21 -8.21 6.72
C MET B 140 2.13 -7.63 5.64
N ASN B 141 2.19 -6.31 5.56
CA ASN B 141 3.05 -5.67 4.56
C ASN B 141 4.53 -5.93 4.76
N LYS B 142 4.92 -6.14 6.01
CA LYS B 142 6.29 -6.42 6.36
C LYS B 142 6.55 -7.89 5.99
N TRP B 143 5.69 -8.76 6.51
CA TRP B 143 5.79 -10.19 6.24
C TRP B 143 5.82 -10.48 4.75
N LYS B 144 4.90 -9.88 4.00
CA LYS B 144 4.83 -10.12 2.57
C LYS B 144 6.04 -9.60 1.82
N ASP B 145 6.92 -8.93 2.55
CA ASP B 145 8.11 -8.36 1.95
C ASP B 145 9.25 -9.39 1.95
N ASP B 146 9.13 -10.43 2.77
CA ASP B 146 10.13 -11.50 2.84
C ASP B 146 9.87 -12.44 1.67
N GLY B 147 10.53 -12.17 0.54
CA GLY B 147 10.36 -12.98 -0.65
C GLY B 147 10.62 -14.47 -0.47
N GLU B 148 11.46 -14.82 0.50
CA GLU B 148 11.79 -16.21 0.79
C GLU B 148 10.60 -16.89 1.45
N PHE B 149 9.88 -16.14 2.28
CA PHE B 149 8.72 -16.63 2.99
C PHE B 149 7.54 -16.81 2.05
N VAL B 150 7.48 -15.97 1.02
CA VAL B 150 6.38 -16.05 0.07
C VAL B 150 6.53 -17.16 -0.95
N LYS B 151 7.76 -17.48 -1.33
CA LYS B 151 7.98 -18.57 -2.29
C LYS B 151 7.57 -19.89 -1.61
N GLN B 152 7.86 -20.00 -0.30
CA GLN B 152 7.50 -21.17 0.48
C GLN B 152 6.02 -21.45 0.42
N LEU B 153 5.19 -20.43 0.62
CA LEU B 153 3.73 -20.59 0.59
C LEU B 153 3.21 -21.00 -0.79
N LYS B 154 3.73 -20.37 -1.83
CA LYS B 154 3.30 -20.68 -3.18
C LYS B 154 3.76 -22.06 -3.59
N PHE B 155 5.05 -22.32 -3.39
CA PHE B 155 5.67 -23.57 -3.77
C PHE B 155 5.14 -24.79 -3.04
N LEU B 156 5.05 -24.72 -1.72
CA LEU B 156 4.51 -25.83 -0.94
C LEU B 156 3.32 -26.38 -1.73
N ILE B 157 2.50 -25.48 -2.26
CA ILE B 157 1.33 -25.85 -3.03
C ILE B 157 1.71 -26.36 -4.41
N HIS B 158 2.33 -25.54 -5.22
CA HIS B 158 2.72 -25.95 -6.56
C HIS B 158 3.32 -27.38 -6.54
N GLU B 159 4.17 -27.62 -5.57
CA GLU B 159 4.88 -28.88 -5.42
C GLU B 159 4.10 -30.10 -4.87
N CYS B 160 3.07 -29.85 -4.06
CA CYS B 160 2.28 -30.97 -3.53
C CYS B 160 0.90 -30.95 -4.15
N SER B 161 0.70 -30.02 -5.07
CA SER B 161 -0.57 -29.87 -5.74
C SER B 161 -1.11 -31.23 -6.17
N GLN B 162 -0.41 -31.87 -7.10
CA GLN B 162 -0.79 -33.18 -7.61
C GLN B 162 -1.17 -34.21 -6.55
N LYS B 163 -0.19 -34.59 -5.75
CA LYS B 163 -0.40 -35.58 -4.71
C LYS B 163 -1.57 -35.26 -3.79
N MET B 164 -1.84 -33.98 -3.55
CA MET B 164 -2.95 -33.59 -2.69
C MET B 164 -4.28 -33.86 -3.37
N ASP B 165 -4.36 -33.56 -4.66
CA ASP B 165 -5.58 -33.82 -5.41
C ASP B 165 -5.84 -35.31 -5.34
N GLU B 166 -4.82 -36.09 -5.73
CA GLU B 166 -4.88 -37.54 -5.73
C GLU B 166 -5.56 -38.04 -4.45
N PHE B 167 -5.01 -37.68 -3.30
CA PHE B 167 -5.57 -38.13 -2.05
C PHE B 167 -7.00 -37.67 -1.87
N LEU B 168 -7.33 -36.53 -2.46
CA LEU B 168 -8.67 -36.02 -2.35
C LEU B 168 -9.67 -36.71 -3.29
N LYS B 169 -9.21 -37.10 -4.47
CA LYS B 169 -10.11 -37.76 -5.43
C LYS B 169 -10.76 -38.99 -4.78
N GLN B 170 -9.94 -39.87 -4.22
CA GLN B 170 -10.50 -41.06 -3.59
C GLN B 170 -10.62 -40.94 -2.08
N SER B 171 -10.62 -39.72 -1.57
CA SER B 171 -10.75 -39.54 -0.13
C SER B 171 -12.20 -39.70 0.25
N LYS B 172 -13.07 -39.69 -0.75
CA LYS B 172 -14.49 -39.86 -0.46
C LYS B 172 -15.02 -41.17 -1.02
N GLU B 173 -14.26 -41.80 -1.90
CA GLU B 173 -14.63 -43.07 -2.52
C GLU B 173 -14.47 -44.26 -1.57
N LYS B 174 -14.27 -43.95 -0.29
CA LYS B 174 -14.10 -44.91 0.80
C LYS B 174 -14.19 -46.40 0.45
N ASP C 1 -37.86 -4.90 12.65
CA ASP C 1 -37.20 -4.48 11.38
C ASP C 1 -36.11 -3.43 11.59
N ALA C 2 -35.54 -3.36 12.80
CA ALA C 2 -34.48 -2.38 13.05
C ALA C 2 -33.57 -2.62 14.25
N HIS C 3 -32.27 -2.58 13.97
CA HIS C 3 -31.27 -2.76 14.99
C HIS C 3 -29.95 -2.16 14.56
N SER C 4 -28.98 -2.18 15.46
CA SER C 4 -27.68 -1.61 15.17
C SER C 4 -26.59 -2.34 15.94
N LEU C 5 -25.35 -2.00 15.62
CA LEU C 5 -24.19 -2.58 16.25
C LEU C 5 -23.71 -1.65 17.35
N ARG C 6 -23.70 -2.13 18.59
CA ARG C 6 -23.26 -1.33 19.74
C ARG C 6 -22.01 -1.94 20.39
N CYS C 7 -21.10 -1.09 20.88
CA CYS C 7 -19.90 -1.57 21.57
C CYS C 7 -19.77 -0.84 22.90
N ASN C 8 -19.62 -1.58 23.99
CA ASN C 8 -19.51 -0.95 25.30
C ASN C 8 -18.15 -1.12 25.91
N LEU C 9 -17.41 -0.02 26.00
CA LEU C 9 -16.08 -0.06 26.59
C LEU C 9 -16.18 0.42 28.03
N THR C 10 -15.50 -0.26 28.93
CA THR C 10 -15.52 0.11 30.33
C THR C 10 -14.08 0.25 30.79
N ILE C 11 -13.70 1.43 31.26
CA ILE C 11 -12.33 1.59 31.73
C ILE C 11 -12.31 1.99 33.18
N LYS C 12 -11.72 1.12 33.99
CA LYS C 12 -11.62 1.30 35.44
C LYS C 12 -10.16 1.28 35.94
N ASP C 13 -9.99 0.92 37.21
CA ASP C 13 -8.68 0.82 37.87
C ASP C 13 -8.71 -0.33 38.89
N PRO C 14 -7.62 -1.11 38.99
CA PRO C 14 -7.41 -2.28 39.87
C PRO C 14 -6.56 -2.40 41.18
N THR C 15 -6.47 -3.68 41.57
CA THR C 15 -5.78 -4.45 42.65
C THR C 15 -6.77 -5.59 42.65
N PRO C 16 -6.36 -6.85 42.99
CA PRO C 16 -7.32 -8.01 42.98
C PRO C 16 -8.85 -7.83 42.95
N ALA C 17 -9.29 -6.60 42.72
CA ALA C 17 -10.69 -6.22 42.58
C ALA C 17 -10.88 -6.48 41.10
N ASP C 18 -9.99 -7.31 40.59
CA ASP C 18 -9.96 -7.71 39.20
C ASP C 18 -9.42 -6.57 38.35
N PRO C 19 -8.15 -6.67 37.94
CA PRO C 19 -7.53 -5.63 37.11
C PRO C 19 -8.16 -5.48 35.74
N LEU C 20 -9.44 -5.11 35.75
CA LEU C 20 -10.14 -4.90 34.50
C LEU C 20 -9.97 -3.45 34.13
N TRP C 21 -8.74 -3.06 33.77
CA TRP C 21 -8.52 -1.68 33.39
C TRP C 21 -9.28 -1.44 32.09
N TYR C 22 -9.89 -2.50 31.57
CA TYR C 22 -10.70 -2.41 30.36
C TYR C 22 -11.52 -3.67 30.06
N GLU C 23 -12.69 -3.45 29.47
CA GLU C 23 -13.59 -4.52 29.07
C GLU C 23 -14.41 -4.02 27.91
N ALA C 24 -14.22 -4.60 26.74
CA ALA C 24 -14.98 -4.17 25.57
C ALA C 24 -15.97 -5.27 25.21
N LYS C 25 -17.21 -4.91 24.89
CA LYS C 25 -18.20 -5.92 24.55
C LYS C 25 -19.08 -5.35 23.46
N CYS C 26 -18.99 -5.89 22.27
CA CYS C 26 -19.81 -5.38 21.18
C CYS C 26 -20.87 -6.42 20.90
N PHE C 27 -22.00 -5.99 20.35
CA PHE C 27 -23.08 -6.92 20.06
C PHE C 27 -24.11 -6.25 19.16
N VAL C 28 -25.06 -7.05 18.67
CA VAL C 28 -26.13 -6.55 17.82
C VAL C 28 -27.44 -6.99 18.43
N GLY C 29 -28.06 -6.10 19.19
CA GLY C 29 -29.29 -6.46 19.84
C GLY C 29 -28.93 -7.42 20.95
N GLU C 30 -28.93 -8.71 20.64
CA GLU C 30 -28.64 -9.73 21.64
C GLU C 30 -27.62 -10.77 21.18
N ILE C 31 -27.06 -10.57 20.00
CA ILE C 31 -26.06 -11.49 19.47
C ILE C 31 -24.68 -10.94 19.84
N LEU C 32 -23.93 -11.68 20.65
CA LEU C 32 -22.61 -11.22 21.07
C LEU C 32 -21.62 -11.38 19.93
N ILE C 33 -20.96 -10.28 19.57
CA ILE C 33 -20.00 -10.28 18.48
C ILE C 33 -18.56 -10.25 18.95
N LEU C 34 -18.34 -9.92 20.21
CA LEU C 34 -16.96 -9.81 20.66
C LEU C 34 -16.91 -9.41 22.11
N HIS C 35 -15.98 -9.98 22.86
CA HIS C 35 -15.82 -9.63 24.25
C HIS C 35 -14.32 -9.53 24.45
N LEU C 36 -13.85 -8.46 25.07
CA LEU C 36 -12.43 -8.27 25.29
C LEU C 36 -12.17 -7.85 26.72
N SER C 37 -10.94 -8.03 27.15
CA SER C 37 -10.55 -7.68 28.49
C SER C 37 -9.04 -7.82 28.58
N ASN C 38 -8.45 -7.29 29.64
CA ASN C 38 -7.03 -7.40 29.80
C ASN C 38 -6.70 -8.56 30.73
N ILE C 39 -7.69 -9.00 31.51
CA ILE C 39 -7.52 -10.15 32.41
C ILE C 39 -7.78 -11.35 31.52
N ASN C 40 -7.58 -11.12 30.22
CA ASN C 40 -7.77 -12.12 29.18
C ASN C 40 -9.09 -12.89 29.32
N LYS C 41 -10.17 -12.14 29.13
CA LYS C 41 -11.55 -12.63 29.20
C LYS C 41 -12.20 -12.35 27.84
N THR C 42 -11.96 -13.24 26.86
CA THR C 42 -12.53 -13.08 25.52
C THR C 42 -13.82 -13.89 25.37
N MET C 43 -14.80 -13.33 24.67
CA MET C 43 -16.11 -13.98 24.46
C MET C 43 -16.41 -15.05 25.51
N THR C 44 -16.91 -14.57 26.65
CA THR C 44 -17.25 -15.36 27.84
C THR C 44 -17.28 -16.89 27.78
N SER C 45 -18.22 -17.50 27.06
CA SER C 45 -18.24 -18.96 26.98
C SER C 45 -19.52 -19.56 26.44
N GLY C 46 -19.76 -20.81 26.83
CA GLY C 46 -20.91 -21.52 26.31
C GLY C 46 -20.41 -21.83 24.92
N ASP C 47 -20.41 -20.80 24.07
CA ASP C 47 -19.87 -20.90 22.72
C ASP C 47 -20.34 -20.05 21.53
N PRO C 48 -21.01 -18.90 21.74
CA PRO C 48 -21.32 -18.31 20.43
C PRO C 48 -20.02 -17.89 19.71
N GLY C 49 -19.67 -18.65 18.67
CA GLY C 49 -18.49 -18.39 17.87
C GLY C 49 -19.01 -18.50 16.46
N GLU C 50 -20.22 -17.96 16.30
CA GLU C 50 -20.95 -17.99 15.06
C GLU C 50 -20.53 -17.10 13.90
N THR C 51 -21.39 -17.20 12.88
CA THR C 51 -21.35 -16.52 11.59
C THR C 51 -20.05 -16.42 10.80
N ALA C 52 -20.15 -15.68 9.69
CA ALA C 52 -19.05 -15.44 8.78
C ALA C 52 -18.83 -13.95 8.88
N ASN C 53 -19.91 -13.21 8.69
CA ASN C 53 -19.90 -11.76 8.76
C ASN C 53 -19.42 -11.38 10.16
N ALA C 54 -20.06 -11.97 11.18
CA ALA C 54 -19.73 -11.70 12.58
C ALA C 54 -18.26 -11.75 12.86
N THR C 55 -17.61 -12.78 12.34
CA THR C 55 -16.18 -12.94 12.55
C THR C 55 -15.42 -11.90 11.73
N GLU C 56 -15.83 -11.69 10.48
CA GLU C 56 -15.16 -10.68 9.67
C GLU C 56 -15.19 -9.36 10.43
N VAL C 57 -16.24 -9.17 11.22
CA VAL C 57 -16.41 -7.97 12.01
C VAL C 57 -15.55 -8.12 13.26
N LYS C 58 -15.65 -9.27 13.91
CA LYS C 58 -14.86 -9.51 15.10
C LYS C 58 -13.36 -9.36 14.83
N LYS C 59 -12.93 -9.62 13.60
CA LYS C 59 -11.52 -9.51 13.26
C LYS C 59 -11.14 -8.06 13.04
N CYS C 60 -12.08 -7.34 12.45
CA CYS C 60 -11.89 -5.92 12.14
C CYS C 60 -11.90 -5.02 13.37
N LEU C 61 -12.71 -5.34 14.37
CA LEU C 61 -12.77 -4.48 15.54
C LEU C 61 -11.75 -4.82 16.61
N THR C 62 -11.49 -6.09 16.81
CA THR C 62 -10.57 -6.50 17.85
C THR C 62 -9.37 -5.58 18.12
N GLN C 63 -8.42 -5.50 17.20
CA GLN C 63 -7.27 -4.68 17.50
C GLN C 63 -7.57 -3.20 17.61
N PRO C 64 -8.36 -2.65 16.69
CA PRO C 64 -8.68 -1.22 16.77
C PRO C 64 -9.26 -0.84 18.14
N LEU C 65 -10.18 -1.66 18.65
CA LEU C 65 -10.75 -1.38 19.95
C LEU C 65 -9.68 -1.52 21.01
N LYS C 66 -8.82 -2.52 20.90
CA LYS C 66 -7.76 -2.70 21.88
C LYS C 66 -6.88 -1.47 22.01
N ASN C 67 -6.55 -0.85 20.88
CA ASN C 67 -5.71 0.33 20.92
C ASN C 67 -6.47 1.47 21.52
N LEU C 68 -7.72 1.65 21.10
CA LEU C 68 -8.54 2.74 21.61
C LEU C 68 -8.56 2.74 23.14
N CYS C 69 -8.72 1.55 23.71
CA CYS C 69 -8.76 1.43 25.15
C CYS C 69 -7.44 1.80 25.77
N GLN C 70 -6.39 1.82 24.96
CA GLN C 70 -5.11 2.21 25.49
C GLN C 70 -5.13 3.73 25.51
N LYS C 71 -5.51 4.33 24.40
CA LYS C 71 -5.56 5.78 24.33
C LYS C 71 -6.45 6.33 25.43
N LEU C 72 -7.47 5.56 25.80
CA LEU C 72 -8.41 5.99 26.81
C LEU C 72 -7.89 5.79 28.22
N ARG C 73 -7.14 4.73 28.48
CA ARG C 73 -6.68 4.59 29.84
C ARG C 73 -5.84 5.81 30.15
N ASN C 74 -5.06 6.27 29.19
CA ASN C 74 -4.22 7.45 29.39
C ASN C 74 -5.08 8.70 29.49
N LYS C 75 -5.89 8.94 28.47
CA LYS C 75 -6.77 10.09 28.43
C LYS C 75 -7.56 10.30 29.71
N VAL C 76 -7.74 9.26 30.50
CA VAL C 76 -8.49 9.39 31.76
C VAL C 76 -7.55 9.47 32.94
N SER C 77 -6.28 9.21 32.71
CA SER C 77 -5.29 9.30 33.75
C SER C 77 -4.71 10.72 33.75
N ASN C 78 -4.77 11.38 32.59
CA ASN C 78 -4.28 12.75 32.42
C ASN C 78 -5.37 13.72 32.87
N THR C 79 -6.59 13.20 33.00
CA THR C 79 -7.76 13.99 33.38
C THR C 79 -7.90 14.19 34.89
N LYS C 80 -8.23 15.43 35.27
CA LYS C 80 -8.43 15.81 36.68
C LYS C 80 -9.92 15.99 36.99
N VAL C 81 -10.41 15.26 37.99
CA VAL C 81 -11.82 15.34 38.40
C VAL C 81 -12.00 15.35 39.92
N ASP C 82 -13.19 14.96 40.38
CA ASP C 82 -13.51 14.91 41.81
C ASP C 82 -12.35 14.44 42.70
N THR C 83 -11.74 15.40 43.39
CA THR C 83 -10.58 15.16 44.26
C THR C 83 -10.57 13.75 44.86
N HIS C 84 -9.49 13.03 44.56
CA HIS C 84 -9.24 11.67 45.03
C HIS C 84 -7.73 11.49 44.95
N LYS C 85 -7.04 11.60 46.08
CA LYS C 85 -5.59 11.46 46.12
C LYS C 85 -5.21 10.18 46.90
N THR C 86 -4.48 9.30 46.20
CA THR C 86 -4.02 7.96 46.65
C THR C 86 -4.95 7.00 45.93
N ASN C 87 -6.06 7.55 45.45
CA ASN C 87 -7.09 6.79 44.75
C ASN C 87 -6.78 6.65 43.25
N GLY C 88 -6.45 7.76 42.60
CA GLY C 88 -6.11 7.68 41.18
C GLY C 88 -7.17 8.13 40.17
N TYR C 89 -7.43 7.27 39.19
CA TYR C 89 -8.38 7.55 38.11
C TYR C 89 -9.80 7.09 38.35
N PRO C 90 -10.75 7.73 37.67
CA PRO C 90 -12.18 7.42 37.78
C PRO C 90 -12.66 6.16 37.11
N HIS C 91 -13.67 6.36 36.29
CA HIS C 91 -14.33 5.29 35.59
C HIS C 91 -14.93 5.85 34.32
N LEU C 92 -14.39 5.45 33.18
CA LEU C 92 -14.92 5.93 31.91
C LEU C 92 -15.78 4.81 31.34
N GLN C 93 -16.81 5.19 30.61
CA GLN C 93 -17.70 4.24 29.99
C GLN C 93 -18.01 4.78 28.61
N VAL C 94 -17.53 4.10 27.57
CA VAL C 94 -17.78 4.54 26.21
C VAL C 94 -18.83 3.66 25.54
N THR C 95 -19.56 4.24 24.60
CA THR C 95 -20.58 3.52 23.87
C THR C 95 -20.48 3.88 22.40
N MET C 96 -20.15 2.88 21.60
CA MET C 96 -20.02 3.09 20.17
C MET C 96 -21.29 2.51 19.58
N ILE C 97 -21.97 3.28 18.75
CA ILE C 97 -23.20 2.83 18.13
C ILE C 97 -23.22 3.02 16.62
N TYR C 98 -23.07 1.91 15.89
CA TYR C 98 -23.08 1.92 14.44
C TYR C 98 -24.43 1.39 13.97
N PRO C 99 -25.29 2.28 13.49
CA PRO C 99 -26.65 2.01 12.99
C PRO C 99 -26.73 1.18 11.72
N GLN C 100 -27.83 0.46 11.56
CA GLN C 100 -28.05 -0.34 10.36
C GLN C 100 -28.35 0.64 9.23
N SER C 101 -28.94 1.76 9.61
CA SER C 101 -29.29 2.84 8.67
C SER C 101 -28.08 3.74 8.49
N GLN C 102 -27.64 3.94 7.24
CA GLN C 102 -26.45 4.76 6.99
C GLN C 102 -26.59 5.88 5.98
N GLY C 103 -25.65 6.82 6.04
CA GLY C 103 -25.64 7.94 5.12
C GLY C 103 -24.50 7.80 4.12
N ARG C 104 -24.32 8.79 3.26
CA ARG C 104 -23.24 8.74 2.29
C ARG C 104 -21.92 8.34 2.96
N THR C 105 -21.79 8.75 4.21
CA THR C 105 -20.61 8.49 5.01
C THR C 105 -20.93 7.66 6.24
N PRO C 106 -20.05 6.68 6.55
CA PRO C 106 -20.24 5.79 7.70
C PRO C 106 -20.75 6.61 8.88
N SER C 107 -21.96 6.29 9.29
CA SER C 107 -22.61 7.01 10.36
C SER C 107 -22.59 6.24 11.68
N ALA C 108 -21.70 6.66 12.56
CA ALA C 108 -21.58 6.05 13.88
C ALA C 108 -21.55 7.15 14.94
N THR C 109 -21.72 6.77 16.20
CA THR C 109 -21.71 7.75 17.28
C THR C 109 -21.05 7.24 18.56
N TRP C 110 -20.13 8.04 19.11
CA TRP C 110 -19.40 7.68 20.32
C TRP C 110 -19.83 8.46 21.56
N GLU C 111 -20.29 7.74 22.60
CA GLU C 111 -20.69 8.41 23.83
C GLU C 111 -19.71 8.12 24.95
N PHE C 112 -19.24 9.17 25.62
CA PHE C 112 -18.31 9.01 26.72
C PHE C 112 -18.97 9.44 28.01
N ASN C 113 -18.67 8.72 29.08
CA ASN C 113 -19.26 9.00 30.36
C ASN C 113 -18.17 8.87 31.41
N ILE C 114 -17.83 9.97 32.06
CA ILE C 114 -16.82 9.89 33.10
C ILE C 114 -17.49 10.01 34.46
N SER C 115 -17.30 8.98 35.30
CA SER C 115 -17.88 8.89 36.64
C SER C 115 -19.32 9.35 36.83
N ASP C 116 -20.07 9.38 35.73
CA ASP C 116 -21.48 9.80 35.73
C ASP C 116 -21.60 11.31 35.80
N SER C 117 -20.45 11.96 35.84
CA SER C 117 -20.34 13.40 35.93
C SER C 117 -20.21 14.20 34.62
N TYR C 118 -19.30 13.79 33.72
CA TYR C 118 -19.09 14.51 32.45
C TYR C 118 -19.53 13.70 31.26
N PHE C 119 -20.27 14.33 30.36
CA PHE C 119 -20.81 13.67 29.17
C PHE C 119 -20.52 14.46 27.88
N PHE C 120 -20.08 13.75 26.85
CA PHE C 120 -19.85 14.36 25.54
C PHE C 120 -20.04 13.29 24.46
N THR C 121 -20.16 13.70 23.22
CA THR C 121 -20.45 12.75 22.16
C THR C 121 -19.91 13.13 20.79
N PHE C 122 -19.26 12.18 20.10
CA PHE C 122 -18.74 12.45 18.76
C PHE C 122 -19.62 11.74 17.73
N TYR C 123 -20.05 12.46 16.69
CA TYR C 123 -20.89 11.85 15.64
C TYR C 123 -20.04 11.76 14.38
N THR C 124 -19.79 10.55 13.89
CA THR C 124 -18.94 10.42 12.72
C THR C 124 -19.54 10.77 11.38
N GLU C 125 -20.87 10.91 11.30
CA GLU C 125 -21.50 11.23 10.02
C GLU C 125 -21.08 12.59 9.47
N ASN C 126 -20.78 13.53 10.35
CA ASN C 126 -20.33 14.86 9.93
C ASN C 126 -19.23 15.42 10.83
N MET C 127 -18.47 14.52 11.43
CA MET C 127 -17.37 14.89 12.30
C MET C 127 -17.73 16.07 13.22
N SER C 128 -18.87 15.94 13.88
CA SER C 128 -19.35 16.97 14.78
C SER C 128 -19.37 16.51 16.24
N TRP C 129 -19.28 17.46 17.16
CA TRP C 129 -19.32 17.16 18.59
C TRP C 129 -20.47 17.89 19.30
N ARG C 130 -20.73 17.46 20.54
CA ARG C 130 -21.76 18.01 21.40
C ARG C 130 -21.45 17.67 22.84
N SER C 131 -21.63 18.60 23.77
CA SER C 131 -21.37 18.31 25.17
C SER C 131 -22.57 18.68 26.03
N ALA C 132 -22.79 17.92 27.10
CA ALA C 132 -23.91 18.15 28.01
C ALA C 132 -23.78 19.51 28.71
N ASN C 133 -22.62 19.74 29.34
CA ASN C 133 -22.31 20.97 30.05
C ASN C 133 -21.34 21.91 29.32
N ASP C 134 -20.60 22.63 30.16
CA ASP C 134 -19.56 23.56 29.77
C ASP C 134 -18.42 22.96 30.57
N GLU C 135 -18.78 22.45 31.74
CA GLU C 135 -17.85 21.83 32.66
C GLU C 135 -17.52 20.50 31.99
N SER C 136 -18.56 19.91 31.41
CA SER C 136 -18.46 18.65 30.72
C SER C 136 -17.85 18.89 29.34
N GLY C 137 -18.19 20.00 28.71
CA GLY C 137 -17.62 20.29 27.40
C GLY C 137 -16.13 20.61 27.43
N VAL C 138 -15.64 21.04 28.59
CA VAL C 138 -14.23 21.38 28.77
C VAL C 138 -13.30 20.25 28.39
N ILE C 139 -13.53 19.11 29.04
CA ILE C 139 -12.78 17.87 28.82
C ILE C 139 -12.90 17.43 27.36
N MET C 140 -14.11 17.53 26.83
CA MET C 140 -14.36 17.19 25.45
C MET C 140 -13.28 17.83 24.60
N ASN C 141 -13.04 19.12 24.80
CA ASN C 141 -12.04 19.81 24.02
C ASN C 141 -10.61 19.50 24.41
N LYS C 142 -10.34 19.26 25.69
CA LYS C 142 -8.96 18.94 26.07
C LYS C 142 -8.53 17.63 25.43
N TRP C 143 -9.47 16.71 25.29
CA TRP C 143 -9.20 15.43 24.69
C TRP C 143 -9.13 15.63 23.20
N LYS C 144 -10.12 16.36 22.69
CA LYS C 144 -10.21 16.62 21.27
C LYS C 144 -8.87 17.17 20.74
N ASP C 145 -8.00 17.59 21.66
CA ASP C 145 -6.69 18.15 21.28
C ASP C 145 -5.69 17.07 20.87
N ASP C 146 -5.90 15.86 21.36
CA ASP C 146 -5.05 14.74 21.04
C ASP C 146 -5.44 14.22 19.66
N GLY C 147 -4.68 14.60 18.64
CA GLY C 147 -4.96 14.18 17.28
C GLY C 147 -4.92 12.66 17.10
N GLU C 148 -3.98 12.01 17.82
CA GLU C 148 -3.86 10.56 17.79
C GLU C 148 -5.25 10.00 18.06
N PHE C 149 -5.71 10.25 19.28
CA PHE C 149 -7.00 9.82 19.78
C PHE C 149 -8.17 10.05 18.83
N VAL C 150 -8.30 11.26 18.34
CA VAL C 150 -9.43 11.55 17.43
C VAL C 150 -9.40 10.79 16.09
N LYS C 151 -8.20 10.58 15.54
CA LYS C 151 -8.07 9.83 14.29
C LYS C 151 -8.53 8.39 14.53
N GLN C 152 -8.23 7.87 15.73
CA GLN C 152 -8.66 6.53 16.08
C GLN C 152 -10.17 6.44 15.93
N LEU C 153 -10.89 7.29 16.65
CA LEU C 153 -12.35 7.29 16.58
C LEU C 153 -12.82 7.29 15.13
N LYS C 154 -12.29 8.22 14.34
CA LYS C 154 -12.70 8.29 12.94
C LYS C 154 -12.44 6.99 12.19
N PHE C 155 -11.19 6.54 12.20
CA PHE C 155 -10.78 5.32 11.47
C PHE C 155 -11.50 4.02 11.87
N LEU C 156 -11.44 3.68 13.16
CA LEU C 156 -12.10 2.48 13.65
C LEU C 156 -13.41 2.25 12.90
N ILE C 157 -14.21 3.30 12.74
CA ILE C 157 -15.48 3.21 12.05
C ILE C 157 -15.35 3.13 10.54
N HIS C 158 -14.45 3.94 9.99
CA HIS C 158 -14.22 3.95 8.55
C HIS C 158 -13.85 2.55 8.08
N GLU C 159 -12.91 1.94 8.79
CA GLU C 159 -12.42 0.58 8.53
C GLU C 159 -13.48 -0.50 8.49
N CYS C 160 -14.07 -0.75 9.66
CA CYS C 160 -15.09 -1.78 9.79
C CYS C 160 -16.45 -1.35 9.27
N SER C 161 -16.51 -0.09 8.81
CA SER C 161 -17.75 0.44 8.26
C SER C 161 -18.41 -0.57 7.33
N GLN C 162 -17.67 -0.97 6.30
CA GLN C 162 -18.18 -1.92 5.32
C GLN C 162 -18.55 -3.27 5.91
N LYS C 163 -17.63 -3.87 6.65
CA LYS C 163 -17.88 -5.17 7.25
C LYS C 163 -19.06 -5.19 8.24
N MET C 164 -19.40 -4.04 8.80
CA MET C 164 -20.52 -3.98 9.74
C MET C 164 -21.86 -3.85 8.97
N ASP C 165 -21.83 -3.16 7.83
CA ASP C 165 -23.02 -2.99 7.00
C ASP C 165 -23.50 -4.37 6.61
N GLU C 166 -22.58 -5.13 6.03
CA GLU C 166 -22.82 -6.48 5.58
C GLU C 166 -23.38 -7.35 6.70
N PHE C 167 -22.85 -7.19 7.90
CA PHE C 167 -23.33 -7.99 9.00
C PHE C 167 -24.78 -7.67 9.36
N LEU C 168 -25.10 -6.38 9.36
CA LEU C 168 -26.44 -5.97 9.71
C LEU C 168 -27.48 -6.41 8.67
N LYS C 169 -27.18 -6.22 7.38
CA LYS C 169 -28.09 -6.62 6.29
C LYS C 169 -28.97 -7.83 6.63
N GLN C 170 -30.29 -7.62 6.56
CA GLN C 170 -31.32 -8.64 6.87
C GLN C 170 -31.55 -9.62 5.70
N SER C 171 -32.41 -10.62 5.90
CA SER C 171 -32.72 -11.62 4.84
C SER C 171 -34.20 -11.57 4.43
N LYS C 172 -34.67 -12.58 3.71
CA LYS C 172 -36.09 -12.62 3.30
C LYS C 172 -36.89 -12.15 4.52
N GLU C 173 -37.38 -10.91 4.50
CA GLU C 173 -38.14 -10.39 5.64
C GLU C 173 -39.34 -9.54 5.22
N LYS C 174 -40.18 -9.21 6.19
CA LYS C 174 -41.39 -8.38 6.03
C LYS C 174 -42.56 -9.00 6.77
N ASP D 1 22.03 6.51 -16.17
CA ASP D 1 22.03 5.71 -14.91
C ASP D 1 20.83 6.06 -14.01
N ALA D 2 20.72 7.32 -13.60
CA ALA D 2 19.62 7.76 -12.73
C ALA D 2 19.23 9.24 -12.89
N HIS D 3 18.08 9.59 -12.31
CA HIS D 3 17.55 10.93 -12.38
C HIS D 3 16.47 11.21 -11.33
N SER D 4 15.59 12.14 -11.67
CA SER D 4 14.48 12.54 -10.82
C SER D 4 13.47 13.22 -11.73
N LEU D 5 12.22 13.27 -11.29
CA LEU D 5 11.16 13.89 -12.06
C LEU D 5 10.90 15.27 -11.51
N ARG D 6 10.80 16.27 -12.39
CA ARG D 6 10.57 17.63 -11.93
C ARG D 6 9.40 18.29 -12.60
N CYS D 7 8.52 18.91 -11.81
CA CYS D 7 7.40 19.61 -12.40
C CYS D 7 7.60 21.07 -12.09
N ASN D 8 7.30 21.92 -13.06
CA ASN D 8 7.45 23.35 -12.88
C ASN D 8 6.12 24.04 -13.07
N LEU D 9 5.59 24.61 -11.99
CA LEU D 9 4.34 25.33 -12.03
C LEU D 9 4.57 26.82 -11.97
N THR D 10 3.97 27.53 -12.90
CA THR D 10 4.09 28.98 -12.94
C THR D 10 2.67 29.51 -12.91
N ILE D 11 2.41 30.42 -12.01
CA ILE D 11 1.10 31.00 -11.91
C ILE D 11 1.28 32.48 -12.02
N LYS D 12 0.34 33.13 -12.70
CA LYS D 12 0.42 34.57 -12.86
C LYS D 12 -0.90 35.26 -13.11
N ASP D 13 -0.80 36.43 -13.73
CA ASP D 13 -1.94 37.21 -14.07
C ASP D 13 -1.88 37.39 -15.56
N PRO D 14 -3.02 37.14 -16.19
CA PRO D 14 -3.31 37.20 -17.62
C PRO D 14 -2.95 38.31 -18.55
N THR D 15 -3.92 39.21 -18.60
CA THR D 15 -3.98 40.29 -19.53
C THR D 15 -2.95 40.41 -20.64
N PRO D 16 -3.49 40.41 -21.87
CA PRO D 16 -3.06 40.48 -23.25
C PRO D 16 -1.66 40.89 -23.48
N ALA D 17 -1.05 39.82 -23.93
CA ALA D 17 0.34 39.53 -24.29
C ALA D 17 0.30 38.05 -23.90
N ASP D 18 -0.13 37.72 -22.67
CA ASP D 18 -0.23 36.32 -22.27
C ASP D 18 -1.22 36.04 -21.12
N PRO D 19 -2.48 35.69 -21.46
CA PRO D 19 -3.59 35.37 -20.54
C PRO D 19 -3.27 34.22 -19.61
N LEU D 20 -2.32 33.40 -20.05
CA LEU D 20 -1.84 32.24 -19.31
C LEU D 20 -1.69 32.48 -17.81
N TRP D 21 -2.74 32.21 -17.04
CA TRP D 21 -2.65 32.42 -15.59
C TRP D 21 -1.90 31.30 -14.88
N TYR D 22 -1.48 30.29 -15.66
CA TYR D 22 -0.72 29.17 -15.11
C TYR D 22 -0.22 28.23 -16.20
N GLU D 23 0.97 27.67 -16.00
CA GLU D 23 1.53 26.75 -16.97
C GLU D 23 2.25 25.64 -16.21
N ALA D 24 2.19 24.40 -16.69
CA ALA D 24 2.84 23.27 -16.02
C ALA D 24 3.63 22.35 -16.94
N LYS D 25 4.92 22.18 -16.68
CA LYS D 25 5.74 21.30 -17.51
C LYS D 25 6.53 20.34 -16.64
N CYS D 26 6.26 19.03 -16.72
CA CYS D 26 7.06 18.08 -15.94
C CYS D 26 7.95 17.37 -16.93
N PHE D 27 9.08 16.86 -16.44
CA PHE D 27 10.05 16.16 -17.29
C PHE D 27 11.02 15.39 -16.39
N VAL D 28 11.60 14.31 -16.90
CA VAL D 28 12.55 13.58 -16.08
C VAL D 28 13.92 14.10 -16.42
N GLY D 29 14.60 13.42 -17.33
CA GLY D 29 15.91 13.90 -17.70
C GLY D 29 15.71 15.28 -18.28
N GLU D 30 15.59 15.31 -19.60
CA GLU D 30 15.38 16.53 -20.33
C GLU D 30 14.34 16.10 -21.34
N ILE D 31 13.50 15.17 -20.90
CA ILE D 31 12.43 14.61 -21.69
C ILE D 31 11.13 15.16 -21.10
N LEU D 32 10.36 15.91 -21.89
CA LEU D 32 9.10 16.46 -21.41
C LEU D 32 8.04 15.37 -21.27
N ILE D 33 7.45 15.28 -20.09
CA ILE D 33 6.44 14.29 -19.79
C ILE D 33 5.05 14.86 -19.93
N LEU D 34 4.91 16.14 -19.62
CA LEU D 34 3.59 16.75 -19.64
C LEU D 34 3.70 18.26 -19.74
N HIS D 35 2.68 18.88 -20.31
CA HIS D 35 2.66 20.33 -20.47
C HIS D 35 1.23 20.85 -20.46
N LEU D 36 0.88 21.55 -19.40
CA LEU D 36 -0.46 22.10 -19.22
C LEU D 36 -0.47 23.62 -19.19
N SER D 37 -1.60 24.20 -19.58
CA SER D 37 -1.76 25.65 -19.61
C SER D 37 -3.27 25.88 -19.65
N ASN D 38 -3.71 27.13 -19.79
CA ASN D 38 -5.15 27.42 -19.87
C ASN D 38 -5.48 27.44 -21.37
N ILE D 39 -4.69 26.75 -22.18
CA ILE D 39 -4.90 26.79 -23.63
C ILE D 39 -5.27 25.48 -24.37
N ASN D 40 -6.36 25.65 -25.10
CA ASN D 40 -7.19 24.71 -25.91
C ASN D 40 -7.15 23.41 -26.79
N LYS D 41 -6.07 22.78 -27.21
CA LYS D 41 -6.34 21.57 -28.03
C LYS D 41 -5.73 20.19 -27.69
N THR D 42 -4.51 19.91 -28.16
CA THR D 42 -3.82 18.62 -27.91
C THR D 42 -2.28 18.84 -27.85
N MET D 43 -1.50 17.76 -27.83
CA MET D 43 -0.03 17.85 -27.74
C MET D 43 0.80 17.44 -28.98
N THR D 44 2.12 17.38 -28.80
CA THR D 44 3.06 17.00 -29.89
C THR D 44 3.96 15.78 -29.53
N SER D 45 3.50 14.60 -29.91
CA SER D 45 4.12 13.28 -29.65
C SER D 45 5.64 12.98 -29.83
N GLY D 46 5.92 11.73 -30.18
CA GLY D 46 7.29 11.23 -30.40
C GLY D 46 7.24 9.82 -31.00
N ASP D 47 8.32 9.38 -31.67
CA ASP D 47 8.36 8.06 -32.33
C ASP D 47 8.78 6.78 -31.55
N PRO D 48 9.54 6.91 -30.43
CA PRO D 48 9.96 5.73 -29.65
C PRO D 48 8.87 4.91 -28.93
N GLY D 49 9.05 4.60 -27.64
CA GLY D 49 8.03 3.84 -26.97
C GLY D 49 8.18 3.25 -25.57
N GLU D 50 8.37 4.12 -24.58
CA GLU D 50 8.47 3.72 -23.18
C GLU D 50 7.83 4.95 -22.54
N THR D 51 7.31 5.79 -23.45
CA THR D 51 6.56 7.00 -23.10
C THR D 51 5.27 6.34 -22.66
N ALA D 52 5.30 5.02 -22.74
CA ALA D 52 4.21 4.16 -22.35
C ALA D 52 3.98 4.44 -20.87
N ASN D 53 5.07 4.42 -20.10
CA ASN D 53 4.99 4.71 -18.68
C ASN D 53 4.87 6.21 -18.50
N ALA D 54 5.28 6.95 -19.52
CA ALA D 54 5.22 8.41 -19.50
C ALA D 54 3.77 8.85 -19.59
N THR D 55 2.97 8.11 -20.36
CA THR D 55 1.57 8.45 -20.49
C THR D 55 0.88 7.91 -19.24
N GLU D 56 1.45 6.86 -18.67
CA GLU D 56 0.86 6.29 -17.46
C GLU D 56 1.00 7.27 -16.32
N VAL D 57 2.13 7.97 -16.30
CA VAL D 57 2.43 8.98 -15.27
C VAL D 57 1.70 10.26 -15.65
N LYS D 58 1.77 10.59 -16.94
CA LYS D 58 1.11 11.77 -17.50
C LYS D 58 -0.35 11.76 -17.05
N LYS D 59 -0.97 10.59 -17.12
CA LYS D 59 -2.38 10.43 -16.74
C LYS D 59 -2.61 10.69 -15.27
N CYS D 60 -1.70 10.18 -14.44
CA CYS D 60 -1.82 10.35 -13.00
C CYS D 60 -1.69 11.82 -12.57
N LEU D 61 -0.65 12.50 -13.05
CA LEU D 61 -0.38 13.89 -12.69
C LEU D 61 -1.39 14.90 -13.19
N THR D 62 -1.63 14.85 -14.49
CA THR D 62 -2.54 15.77 -15.16
C THR D 62 -3.61 16.45 -14.33
N GLN D 63 -4.58 15.72 -13.81
CA GLN D 63 -5.60 16.39 -13.02
C GLN D 63 -5.13 16.86 -11.65
N PRO D 64 -4.47 15.99 -10.88
CA PRO D 64 -4.00 16.42 -9.56
C PRO D 64 -3.30 17.77 -9.65
N LEU D 65 -2.53 17.95 -10.73
CA LEU D 65 -1.81 19.20 -10.97
C LEU D 65 -2.75 20.33 -11.30
N LYS D 66 -3.70 20.11 -12.20
CA LYS D 66 -4.64 21.16 -12.55
C LYS D 66 -5.34 21.62 -11.27
N ASN D 67 -5.79 20.64 -10.47
CA ASN D 67 -6.46 20.95 -9.21
C ASN D 67 -5.58 21.86 -8.37
N LEU D 68 -4.30 21.52 -8.28
CA LEU D 68 -3.33 22.28 -7.51
C LEU D 68 -3.17 23.73 -8.00
N CYS D 69 -3.08 23.93 -9.30
CA CYS D 69 -2.93 25.27 -9.82
C CYS D 69 -4.18 26.07 -9.50
N GLN D 70 -5.33 25.43 -9.67
CA GLN D 70 -6.58 26.10 -9.38
C GLN D 70 -6.56 26.69 -7.99
N LYS D 71 -6.03 25.95 -7.02
CA LYS D 71 -5.99 26.43 -5.63
C LYS D 71 -4.81 27.36 -5.39
N LEU D 72 -3.73 27.16 -6.12
CA LEU D 72 -2.57 28.03 -5.91
C LEU D 72 -2.89 29.43 -6.42
N ARG D 73 -3.76 29.53 -7.42
CA ARG D 73 -4.13 30.86 -7.92
C ARG D 73 -4.90 31.56 -6.79
N ASN D 74 -5.81 30.82 -6.16
CA ASN D 74 -6.61 31.34 -5.06
C ASN D 74 -5.71 31.83 -3.93
N LYS D 75 -4.77 30.98 -3.54
CA LYS D 75 -3.84 31.25 -2.45
C LYS D 75 -3.01 32.53 -2.64
N VAL D 76 -2.47 32.73 -3.84
CA VAL D 76 -1.66 33.92 -4.11
C VAL D 76 -2.49 35.17 -4.31
N SER D 77 -3.81 35.05 -4.27
CA SER D 77 -4.64 36.23 -4.39
C SER D 77 -4.80 36.76 -2.98
N ASN D 78 -5.35 35.92 -2.10
CA ASN D 78 -5.54 36.28 -0.69
C ASN D 78 -4.20 36.72 -0.11
N THR D 79 -3.15 36.01 -0.49
CA THR D 79 -1.82 36.35 -0.03
C THR D 79 -1.32 37.52 -0.83
N LYS D 80 -1.42 38.71 -0.25
CA LYS D 80 -0.98 39.94 -0.92
C LYS D 80 -0.09 40.64 0.09
N VAL D 81 1.22 40.45 -0.02
CA VAL D 81 2.11 41.06 0.94
C VAL D 81 3.37 41.80 0.46
N ASP D 82 3.83 42.67 1.37
CA ASP D 82 4.99 43.55 1.28
C ASP D 82 5.06 44.71 0.26
N THR D 83 6.21 44.90 -0.42
CA THR D 83 6.36 46.10 -1.27
C THR D 83 6.17 46.33 -2.80
N HIS D 84 6.37 45.37 -3.69
CA HIS D 84 6.16 45.63 -5.14
C HIS D 84 4.67 46.02 -5.43
N LYS D 85 4.42 47.33 -5.53
CA LYS D 85 3.13 48.01 -5.76
C LYS D 85 1.71 47.55 -6.23
N THR D 86 0.73 48.12 -5.51
CA THR D 86 -0.77 48.02 -5.58
C THR D 86 -1.74 47.33 -6.57
N ASN D 87 -1.46 47.31 -7.88
CA ASN D 87 -2.39 46.68 -8.82
C ASN D 87 -2.61 45.23 -8.44
N GLY D 88 -1.71 44.31 -8.79
CA GLY D 88 -1.95 42.98 -8.28
C GLY D 88 -1.76 41.62 -8.91
N TYR D 89 -1.84 40.64 -8.00
CA TYR D 89 -1.72 39.23 -8.29
C TYR D 89 -0.21 38.90 -8.61
N PRO D 90 0.48 38.14 -7.72
CA PRO D 90 1.90 37.71 -7.80
C PRO D 90 2.41 36.71 -8.86
N HIS D 91 3.71 36.42 -8.83
CA HIS D 91 4.30 35.48 -9.77
C HIS D 91 4.78 34.26 -8.98
N LEU D 92 3.90 33.27 -8.85
CA LEU D 92 4.27 32.07 -8.12
C LEU D 92 4.98 31.09 -9.02
N GLN D 93 5.97 30.44 -8.44
CA GLN D 93 6.78 29.47 -9.15
C GLN D 93 6.98 28.28 -8.22
N VAL D 94 6.19 27.23 -8.44
CA VAL D 94 6.31 26.04 -7.62
C VAL D 94 7.16 25.06 -8.37
N THR D 95 7.94 24.28 -7.64
CA THR D 95 8.79 23.29 -8.28
C THR D 95 8.79 22.03 -7.46
N MET D 96 8.25 20.98 -8.05
CA MET D 96 8.19 19.70 -7.37
C MET D 96 9.27 18.80 -7.91
N ILE D 97 9.97 18.14 -7.00
CA ILE D 97 11.03 17.24 -7.38
C ILE D 97 10.82 15.87 -6.76
N TYR D 98 10.58 14.89 -7.63
CA TYR D 98 10.39 13.53 -7.19
C TYR D 98 11.68 12.86 -7.60
N PRO D 99 12.60 12.73 -6.66
CA PRO D 99 13.88 12.09 -6.99
C PRO D 99 13.69 10.58 -7.21
N GLN D 100 14.65 9.97 -7.90
CA GLN D 100 14.53 8.54 -8.12
C GLN D 100 14.84 7.89 -6.79
N SER D 101 15.86 8.40 -6.11
CA SER D 101 16.27 7.91 -4.79
C SER D 101 15.16 8.21 -3.75
N GLN D 102 14.43 7.17 -3.38
CA GLN D 102 13.32 7.30 -2.44
C GLN D 102 13.56 6.81 -1.05
N GLY D 103 12.75 7.29 -0.12
CA GLY D 103 12.84 6.90 1.28
C GLY D 103 11.72 5.93 1.60
N ARG D 104 11.58 5.52 2.86
CA ARG D 104 10.51 4.61 3.25
C ARG D 104 9.14 5.02 2.76
N THR D 105 8.94 6.33 2.66
CA THR D 105 7.67 6.92 2.24
C THR D 105 7.88 7.89 1.08
N PRO D 106 6.90 8.02 0.19
CA PRO D 106 7.00 8.92 -0.97
C PRO D 106 7.71 10.23 -0.62
N SER D 107 8.88 10.42 -1.20
CA SER D 107 9.68 11.60 -0.93
C SER D 107 9.77 12.55 -2.10
N ALA D 108 9.18 13.71 -1.95
CA ALA D 108 9.25 14.72 -2.98
C ALA D 108 9.44 16.04 -2.25
N THR D 109 9.82 17.09 -2.95
CA THR D 109 9.96 18.36 -2.30
C THR D 109 9.21 19.39 -3.12
N TRP D 110 8.42 20.19 -2.42
CA TRP D 110 7.67 21.25 -3.06
C TRP D 110 8.29 22.59 -2.67
N GLU D 111 8.84 23.30 -3.65
CA GLU D 111 9.47 24.58 -3.38
C GLU D 111 8.61 25.66 -3.97
N PHE D 112 8.26 26.65 -3.16
CA PHE D 112 7.47 27.78 -3.62
C PHE D 112 8.32 29.04 -3.65
N ASN D 113 8.20 29.78 -4.73
CA ASN D 113 8.93 31.00 -4.88
C ASN D 113 7.89 32.04 -5.23
N ILE D 114 7.72 33.02 -4.37
CA ILE D 114 6.75 34.07 -4.64
C ILE D 114 7.47 35.36 -5.02
N SER D 115 7.44 35.67 -6.31
CA SER D 115 8.07 36.88 -6.83
C SER D 115 9.55 37.01 -6.52
N ASP D 116 10.27 35.91 -6.50
CA ASP D 116 11.69 35.97 -6.20
C ASP D 116 11.98 36.64 -4.87
N SER D 117 10.97 36.75 -4.02
CA SER D 117 11.11 37.41 -2.73
C SER D 117 10.92 36.43 -1.57
N TYR D 118 9.81 35.69 -1.61
CA TYR D 118 9.50 34.72 -0.58
C TYR D 118 9.75 33.29 -1.01
N PHE D 119 10.28 32.53 -0.09
CA PHE D 119 10.62 31.18 -0.37
C PHE D 119 10.43 30.29 0.83
N PHE D 120 9.73 29.18 0.61
CA PHE D 120 9.53 28.14 1.62
C PHE D 120 9.39 26.81 0.90
N THR D 121 9.60 25.73 1.62
CA THR D 121 9.56 24.39 1.02
C THR D 121 8.88 23.34 1.90
N PHE D 122 8.22 22.37 1.26
CA PHE D 122 7.54 21.28 1.95
C PHE D 122 8.17 19.93 1.58
N TYR D 123 8.48 19.13 2.58
CA TYR D 123 9.06 17.81 2.35
C TYR D 123 8.03 16.73 2.68
N THR D 124 7.61 15.98 1.68
CA THR D 124 6.62 14.94 1.91
C THR D 124 7.14 13.75 2.72
N GLU D 125 8.44 13.50 2.67
CA GLU D 125 9.04 12.37 3.39
C GLU D 125 8.96 12.57 4.91
N ASN D 126 9.16 13.82 5.29
CA ASN D 126 9.19 14.28 6.68
C ASN D 126 7.86 14.90 7.09
N MET D 127 7.15 15.46 6.11
CA MET D 127 5.89 16.17 6.34
C MET D 127 6.31 17.46 7.06
N SER D 128 7.52 17.92 6.80
CA SER D 128 8.08 19.09 7.44
C SER D 128 8.21 20.24 6.48
N TRP D 129 8.32 21.44 7.04
CA TRP D 129 8.47 22.66 6.27
C TRP D 129 9.74 23.43 6.63
N ARG D 130 10.14 24.30 5.71
CA ARG D 130 11.31 25.16 5.88
C ARG D 130 11.08 26.46 5.11
N SER D 131 11.42 27.59 5.74
CA SER D 131 11.25 28.91 5.11
C SER D 131 12.62 29.58 5.06
N ALA D 132 12.89 30.31 3.99
CA ALA D 132 14.18 30.99 3.83
C ALA D 132 14.46 31.96 4.98
N ASN D 133 13.43 32.72 5.37
CA ASN D 133 13.53 33.69 6.44
C ASN D 133 12.17 33.85 7.08
N ASP D 134 12.09 34.69 8.12
CA ASP D 134 10.83 34.91 8.82
C ASP D 134 9.77 35.53 7.94
N GLU D 135 10.17 36.46 7.08
CA GLU D 135 9.22 37.10 6.17
C GLU D 135 8.44 35.99 5.48
N SER D 136 9.19 35.02 4.97
CA SER D 136 8.65 33.86 4.27
C SER D 136 7.95 32.90 5.23
N GLY D 137 8.59 32.62 6.36
CA GLY D 137 7.98 31.73 7.32
C GLY D 137 6.55 32.15 7.62
N VAL D 138 6.31 33.47 7.66
CA VAL D 138 5.01 34.04 7.94
C VAL D 138 3.98 33.59 6.93
N ILE D 139 4.26 33.82 5.65
CA ILE D 139 3.37 33.43 4.56
C ILE D 139 3.22 31.91 4.56
N MET D 140 4.34 31.24 4.80
CA MET D 140 4.34 29.80 4.83
C MET D 140 3.24 29.33 5.77
N ASN D 141 3.35 29.66 7.04
CA ASN D 141 2.37 29.22 8.03
C ASN D 141 0.90 29.61 7.72
N LYS D 142 0.71 30.63 6.91
CA LYS D 142 -0.64 31.06 6.52
C LYS D 142 -1.18 29.98 5.59
N TRP D 143 -0.37 29.60 4.61
CA TRP D 143 -0.75 28.58 3.65
C TRP D 143 -0.83 27.23 4.32
N LYS D 144 0.11 26.96 5.21
CA LYS D 144 0.15 25.69 5.91
C LYS D 144 -1.24 25.47 6.56
N ASP D 145 -1.93 26.58 6.87
CA ASP D 145 -3.25 26.55 7.50
C ASP D 145 -4.41 26.05 6.64
N ASP D 146 -4.24 26.07 5.32
CA ASP D 146 -5.27 25.61 4.41
C ASP D 146 -5.16 24.09 4.25
N GLY D 147 -6.07 23.35 4.89
CA GLY D 147 -6.06 21.90 4.82
C GLY D 147 -6.16 21.32 3.41
N GLU D 148 -7.11 21.78 2.59
CA GLU D 148 -7.27 21.29 1.23
C GLU D 148 -5.95 21.39 0.50
N PHE D 149 -5.32 22.56 0.62
CA PHE D 149 -4.04 22.86 0.00
C PHE D 149 -2.99 21.82 0.34
N VAL D 150 -2.66 21.72 1.62
CA VAL D 150 -1.67 20.76 2.06
C VAL D 150 -2.03 19.32 1.69
N LYS D 151 -3.31 18.96 1.82
CA LYS D 151 -3.72 17.61 1.46
C LYS D 151 -3.31 17.37 0.02
N GLN D 152 -3.69 18.28 -0.86
CA GLN D 152 -3.32 18.15 -2.26
C GLN D 152 -1.85 17.88 -2.52
N LEU D 153 -0.97 18.57 -1.80
CA LEU D 153 0.46 18.38 -1.98
C LEU D 153 0.89 16.96 -1.59
N LYS D 154 0.31 16.42 -0.53
CA LYS D 154 0.65 15.09 -0.09
C LYS D 154 0.10 14.02 -1.03
N PHE D 155 -1.20 14.15 -1.33
CA PHE D 155 -1.90 13.21 -2.18
C PHE D 155 -1.26 13.12 -3.56
N LEU D 156 -1.19 14.23 -4.28
CA LEU D 156 -0.61 14.23 -5.62
C LEU D 156 0.63 13.33 -5.62
N ILE D 157 1.48 13.47 -4.62
CA ILE D 157 2.68 12.67 -4.56
C ILE D 157 2.40 11.22 -4.20
N HIS D 158 1.65 11.00 -3.13
CA HIS D 158 1.33 9.65 -2.68
C HIS D 158 0.65 8.84 -3.81
N GLU D 159 -0.26 9.52 -4.48
CA GLU D 159 -1.04 8.99 -5.59
C GLU D 159 -0.15 8.48 -6.71
N CYS D 160 0.61 9.38 -7.33
CA CYS D 160 1.49 9.03 -8.45
C CYS D 160 2.83 8.43 -8.09
N SER D 161 3.05 8.20 -6.79
CA SER D 161 4.29 7.64 -6.31
C SER D 161 4.74 6.43 -7.12
N GLN D 162 3.93 5.37 -7.08
CA GLN D 162 4.25 4.14 -7.78
C GLN D 162 4.57 4.33 -9.24
N LYS D 163 3.63 4.92 -9.97
CA LYS D 163 3.84 5.12 -11.38
C LYS D 163 5.09 5.93 -11.76
N MET D 164 5.47 6.89 -10.92
CA MET D 164 6.67 7.68 -11.22
C MET D 164 7.90 6.81 -11.02
N ASP D 165 7.91 6.04 -9.94
CA ASP D 165 9.02 5.16 -9.64
C ASP D 165 9.36 4.28 -10.83
N GLU D 166 8.32 3.70 -11.42
CA GLU D 166 8.46 2.82 -12.57
C GLU D 166 9.04 3.58 -13.74
N PHE D 167 8.43 4.71 -14.07
CA PHE D 167 8.94 5.48 -15.19
C PHE D 167 10.36 5.96 -14.95
N LEU D 168 10.73 6.13 -13.68
CA LEU D 168 12.07 6.60 -13.38
C LEU D 168 13.10 5.50 -13.47
N LYS D 169 12.65 4.28 -13.70
CA LYS D 169 13.61 3.19 -13.81
C LYS D 169 14.21 3.07 -15.23
N GLN D 170 13.84 3.98 -16.13
CA GLN D 170 14.33 4.02 -17.53
C GLN D 170 15.59 4.98 -17.63
N SER D 171 16.65 4.55 -18.37
CA SER D 171 18.04 5.15 -18.55
C SER D 171 18.85 6.41 -19.06
N LYS D 172 19.27 6.44 -20.33
CA LYS D 172 20.10 7.55 -20.94
C LYS D 172 20.80 7.30 -22.37
N GLU D 173 21.82 8.09 -22.79
CA GLU D 173 22.50 7.90 -24.13
C GLU D 173 24.02 8.17 -24.39
N LYS D 174 24.35 8.59 -25.64
CA LYS D 174 25.74 8.86 -26.13
C LYS D 174 26.44 10.17 -25.68
N ASP E 1 1.13 -14.40 -35.40
CA ASP E 1 -0.35 -14.55 -35.53
C ASP E 1 -1.06 -13.37 -34.88
N ALA E 2 -0.31 -12.43 -34.33
CA ALA E 2 -0.92 -11.30 -33.62
C ALA E 2 -1.02 -9.91 -34.22
N HIS E 3 -2.09 -9.27 -33.81
CA HIS E 3 -2.48 -7.92 -34.16
C HIS E 3 -3.85 -7.90 -33.54
N SER E 4 -4.43 -6.72 -33.31
CA SER E 4 -5.73 -6.69 -32.70
C SER E 4 -6.67 -5.74 -33.38
N LEU E 5 -7.94 -5.84 -33.03
CA LEU E 5 -8.95 -4.95 -33.59
C LEU E 5 -9.20 -3.87 -32.55
N ARG E 6 -9.17 -2.61 -33.00
CA ARG E 6 -9.38 -1.50 -32.08
C ARG E 6 -10.41 -0.55 -32.64
N CYS E 7 -11.23 0.01 -31.75
CA CYS E 7 -12.25 0.94 -32.16
C CYS E 7 -12.09 2.20 -31.32
N ASN E 8 -12.31 3.35 -31.94
CA ASN E 8 -12.20 4.64 -31.24
C ASN E 8 -13.45 5.47 -31.35
N LEU E 9 -14.25 5.44 -30.30
CA LEU E 9 -15.47 6.20 -30.25
C LEU E 9 -15.12 7.58 -29.76
N THR E 10 -15.58 8.59 -30.47
CA THR E 10 -15.32 9.95 -30.05
C THR E 10 -16.68 10.56 -29.74
N ILE E 11 -16.75 11.24 -28.60
CA ILE E 11 -17.99 11.85 -28.22
C ILE E 11 -17.72 13.20 -27.62
N LYS E 12 -17.79 14.20 -28.49
CA LYS E 12 -17.62 15.60 -28.12
C LYS E 12 -19.06 16.01 -28.32
N ASP E 13 -19.55 17.06 -27.70
CA ASP E 13 -20.94 17.38 -27.98
C ASP E 13 -21.16 18.72 -28.67
N PRO E 14 -22.17 18.76 -29.57
CA PRO E 14 -22.76 19.73 -30.49
C PRO E 14 -22.25 21.15 -30.69
N THR E 15 -22.12 21.50 -31.96
CA THR E 15 -21.71 22.82 -32.41
C THR E 15 -22.25 22.91 -33.82
N PRO E 16 -23.23 23.81 -34.05
CA PRO E 16 -23.74 23.89 -35.41
C PRO E 16 -22.55 24.12 -36.35
N ALA E 17 -21.41 24.41 -35.75
CA ALA E 17 -20.17 24.61 -36.48
C ALA E 17 -19.49 23.25 -36.70
N ASP E 18 -19.85 22.27 -35.86
CA ASP E 18 -19.32 20.90 -35.92
C ASP E 18 -20.36 19.85 -35.53
N PRO E 19 -21.56 19.92 -36.13
CA PRO E 19 -22.59 18.95 -35.79
C PRO E 19 -22.09 17.51 -35.95
N LEU E 20 -21.66 16.92 -34.86
CA LEU E 20 -21.14 15.56 -34.87
C LEU E 20 -20.90 15.26 -33.41
N TRP E 21 -21.81 14.57 -32.77
CA TRP E 21 -21.56 14.27 -31.37
C TRP E 21 -20.87 12.93 -31.25
N TYR E 22 -20.81 12.18 -32.34
CA TYR E 22 -20.15 10.90 -32.25
C TYR E 22 -19.58 10.42 -33.56
N GLU E 23 -18.41 9.80 -33.46
CA GLU E 23 -17.73 9.24 -34.60
C GLU E 23 -17.05 7.98 -34.10
N ALA E 24 -17.28 6.87 -34.79
CA ALA E 24 -16.66 5.63 -34.38
C ALA E 24 -15.89 5.09 -35.56
N LYS E 25 -14.67 4.65 -35.32
CA LYS E 25 -13.85 4.09 -36.39
C LYS E 25 -13.14 2.89 -35.81
N CYS E 26 -13.20 1.76 -36.51
CA CYS E 26 -12.53 0.57 -36.04
C CYS E 26 -11.52 0.14 -37.09
N PHE E 27 -10.36 -0.33 -36.64
CA PHE E 27 -9.33 -0.77 -37.57
C PHE E 27 -8.61 -1.97 -37.03
N VAL E 28 -7.83 -2.54 -37.93
CA VAL E 28 -6.96 -3.67 -37.65
C VAL E 28 -5.82 -3.24 -38.56
N GLY E 29 -4.78 -2.66 -37.97
CA GLY E 29 -3.63 -2.24 -38.74
C GLY E 29 -3.66 -0.95 -39.53
N GLU E 30 -4.42 -0.94 -40.62
CA GLU E 30 -4.52 0.26 -41.47
C GLU E 30 -5.79 0.03 -42.23
N ILE E 31 -6.38 -1.12 -41.97
CA ILE E 31 -7.61 -1.55 -42.58
C ILE E 31 -8.76 -0.92 -41.81
N LEU E 32 -9.46 0.00 -42.47
CA LEU E 32 -10.59 0.66 -41.85
C LEU E 32 -11.79 -0.26 -42.07
N ILE E 33 -12.27 -0.86 -40.98
CA ILE E 33 -13.39 -1.78 -41.03
C ILE E 33 -14.74 -1.10 -41.00
N LEU E 34 -14.84 -0.05 -40.18
CA LEU E 34 -16.11 0.65 -40.04
C LEU E 34 -15.94 2.11 -39.61
N HIS E 35 -16.81 2.97 -40.13
CA HIS E 35 -16.80 4.40 -39.83
C HIS E 35 -18.26 4.86 -39.79
N LEU E 36 -18.67 5.35 -38.63
CA LEU E 36 -20.04 5.83 -38.40
C LEU E 36 -19.98 7.18 -37.74
N SER E 37 -21.09 7.93 -37.78
CA SER E 37 -21.13 9.25 -37.15
C SER E 37 -22.51 9.90 -37.27
N ASN E 38 -22.60 11.15 -36.86
CA ASN E 38 -23.83 11.90 -36.96
C ASN E 38 -24.04 12.16 -38.46
N ILE E 39 -22.94 12.43 -39.15
CA ILE E 39 -22.94 12.69 -40.60
C ILE E 39 -22.64 11.31 -41.26
N ASN E 40 -23.44 10.29 -40.92
CA ASN E 40 -23.25 8.89 -41.39
C ASN E 40 -22.23 8.41 -42.46
N LYS E 41 -22.58 8.40 -43.75
CA LYS E 41 -21.67 7.91 -44.84
C LYS E 41 -21.64 6.35 -44.85
N THR E 42 -20.66 5.74 -45.51
CA THR E 42 -20.48 4.25 -45.56
C THR E 42 -19.37 3.65 -46.47
N MET E 43 -19.47 2.35 -46.79
CA MET E 43 -18.44 1.63 -47.59
C MET E 43 -18.91 0.68 -48.72
N THR E 44 -18.05 0.51 -49.74
CA THR E 44 -18.31 -0.38 -50.90
C THR E 44 -17.47 -1.66 -50.76
N SER E 45 -18.00 -2.80 -51.25
CA SER E 45 -17.29 -4.09 -51.15
C SER E 45 -17.71 -5.22 -52.11
N GLY E 46 -16.99 -6.35 -52.03
CA GLY E 46 -17.27 -7.52 -52.86
C GLY E 46 -16.02 -8.25 -53.38
N ASP E 47 -15.30 -8.95 -52.48
CA ASP E 47 -14.06 -9.67 -52.82
C ASP E 47 -13.99 -11.11 -52.23
N PRO E 48 -12.80 -11.76 -52.24
CA PRO E 48 -12.70 -13.12 -51.68
C PRO E 48 -13.05 -13.27 -50.18
N GLY E 49 -12.21 -12.72 -49.31
CA GLY E 49 -12.47 -12.79 -47.87
C GLY E 49 -12.02 -11.52 -47.17
N GLU E 50 -12.22 -10.40 -47.84
CA GLU E 50 -11.80 -9.09 -47.32
C GLU E 50 -13.00 -8.18 -47.02
N THR E 51 -13.43 -7.42 -48.03
CA THR E 51 -14.58 -6.52 -47.88
C THR E 51 -15.87 -7.34 -47.96
N ALA E 52 -15.68 -8.65 -48.14
CA ALA E 52 -16.80 -9.58 -48.20
C ALA E 52 -16.95 -10.20 -46.80
N ASN E 53 -15.93 -9.98 -45.96
CA ASN E 53 -15.93 -10.48 -44.59
C ASN E 53 -15.98 -9.32 -43.60
N ALA E 54 -15.27 -8.23 -43.90
CA ALA E 54 -15.28 -7.06 -43.04
C ALA E 54 -16.73 -6.69 -42.75
N THR E 55 -17.58 -6.89 -43.75
CA THR E 55 -19.01 -6.60 -43.62
C THR E 55 -19.60 -7.47 -42.52
N GLU E 56 -19.20 -8.73 -42.50
CA GLU E 56 -19.68 -9.67 -41.48
C GLU E 56 -19.51 -8.98 -40.13
N VAL E 57 -18.31 -8.47 -39.90
CA VAL E 57 -17.96 -7.78 -38.67
C VAL E 57 -18.65 -6.42 -38.59
N LYS E 58 -18.60 -5.69 -39.70
CA LYS E 58 -19.21 -4.38 -39.77
C LYS E 58 -20.69 -4.46 -39.37
N LYS E 59 -21.38 -5.46 -39.92
CA LYS E 59 -22.80 -5.67 -39.64
C LYS E 59 -23.05 -5.91 -38.17
N CYS E 60 -22.18 -6.71 -37.58
CA CYS E 60 -22.27 -7.02 -36.17
C CYS E 60 -22.04 -5.83 -35.23
N LEU E 61 -21.05 -4.98 -35.55
CA LEU E 61 -20.73 -3.85 -34.69
C LEU E 61 -21.50 -2.55 -34.87
N THR E 62 -22.10 -2.38 -36.03
CA THR E 62 -22.78 -1.13 -36.32
C THR E 62 -23.78 -0.65 -35.28
N GLN E 63 -24.86 -1.39 -35.07
CA GLN E 63 -25.85 -0.96 -34.08
C GLN E 63 -25.30 -0.94 -32.66
N PRO E 64 -24.71 -2.05 -32.19
CA PRO E 64 -24.15 -2.08 -30.84
C PRO E 64 -23.41 -0.78 -30.52
N LEU E 65 -22.57 -0.36 -31.47
CA LEU E 65 -21.82 0.87 -31.32
C LEU E 65 -22.70 2.08 -31.35
N LYS E 66 -23.60 2.15 -32.33
CA LYS E 66 -24.49 3.30 -32.40
C LYS E 66 -25.18 3.43 -31.04
N ASN E 67 -25.56 2.27 -30.49
CA ASN E 67 -26.23 2.21 -29.19
C ASN E 67 -25.32 2.64 -28.07
N LEU E 68 -24.06 2.20 -28.14
CA LEU E 68 -23.12 2.57 -27.10
C LEU E 68 -22.91 4.09 -27.07
N CYS E 69 -22.59 4.67 -28.22
CA CYS E 69 -22.38 6.10 -28.29
C CYS E 69 -23.58 6.82 -27.74
N GLN E 70 -24.73 6.16 -27.77
CA GLN E 70 -25.93 6.78 -27.25
C GLN E 70 -25.75 6.87 -25.73
N LYS E 71 -25.60 5.73 -25.09
CA LYS E 71 -25.44 5.66 -23.66
C LYS E 71 -24.31 6.56 -23.19
N LEU E 72 -23.27 6.64 -24.00
CA LEU E 72 -22.11 7.46 -23.64
C LEU E 72 -22.43 8.95 -23.66
N ARG E 73 -22.92 9.47 -24.78
CA ARG E 73 -23.23 10.90 -24.79
C ARG E 73 -24.03 11.28 -23.55
N ASN E 74 -24.82 10.34 -23.02
CA ASN E 74 -25.63 10.60 -21.84
C ASN E 74 -24.71 10.79 -20.63
N LYS E 75 -23.94 9.73 -20.36
CA LYS E 75 -23.01 9.69 -19.25
C LYS E 75 -22.12 10.94 -19.13
N VAL E 76 -21.52 11.38 -20.23
CA VAL E 76 -20.66 12.55 -20.20
C VAL E 76 -21.45 13.80 -19.91
N SER E 77 -22.77 13.70 -20.08
CA SER E 77 -23.62 14.84 -19.84
C SER E 77 -24.13 14.82 -18.41
N ASN E 78 -24.49 13.65 -17.91
CA ASN E 78 -24.98 13.55 -16.54
C ASN E 78 -23.81 13.45 -15.54
N THR E 79 -22.62 13.82 -15.99
CA THR E 79 -21.41 13.81 -15.17
C THR E 79 -20.52 15.00 -15.56
N LYS E 80 -20.36 15.97 -14.65
CA LYS E 80 -19.53 17.15 -14.92
C LYS E 80 -18.22 17.16 -14.13
N VAL E 81 -17.44 18.24 -14.24
CA VAL E 81 -16.12 18.28 -13.57
C VAL E 81 -15.45 19.52 -13.02
N ASP E 82 -14.75 20.21 -13.93
CA ASP E 82 -13.97 21.38 -13.61
C ASP E 82 -14.56 22.73 -14.07
N THR E 83 -14.81 23.58 -13.09
CA THR E 83 -15.40 24.93 -13.20
C THR E 83 -14.85 25.95 -14.19
N HIS E 84 -15.76 26.69 -14.83
CA HIS E 84 -15.34 27.67 -15.83
C HIS E 84 -16.35 28.68 -16.39
N LYS E 85 -15.97 29.12 -17.58
CA LYS E 85 -16.64 30.09 -18.44
C LYS E 85 -17.92 29.62 -19.12
N THR E 86 -17.72 29.12 -20.34
CA THR E 86 -18.79 28.63 -21.23
C THR E 86 -19.00 27.11 -21.21
N ASN E 87 -20.27 26.72 -21.26
CA ASN E 87 -20.66 25.32 -21.22
C ASN E 87 -20.71 24.53 -22.51
N GLY E 88 -19.83 23.55 -22.55
CA GLY E 88 -19.72 22.64 -23.67
C GLY E 88 -19.33 21.34 -23.00
N TYR E 89 -20.34 20.54 -22.67
CA TYR E 89 -20.13 19.27 -21.99
C TYR E 89 -18.85 18.61 -22.46
N PRO E 90 -18.06 18.06 -21.52
CA PRO E 90 -16.78 17.39 -21.76
C PRO E 90 -16.65 16.65 -23.07
N HIS E 91 -15.40 16.47 -23.46
CA HIS E 91 -15.04 15.77 -24.69
C HIS E 91 -14.65 14.35 -24.26
N LEU E 92 -15.33 13.32 -24.77
CA LEU E 92 -15.00 11.93 -24.38
C LEU E 92 -14.38 11.10 -25.50
N GLN E 93 -13.42 10.26 -25.14
CA GLN E 93 -12.73 9.44 -26.13
C GLN E 93 -12.54 8.02 -25.64
N VAL E 94 -13.37 7.10 -26.14
CA VAL E 94 -13.27 5.72 -25.73
C VAL E 94 -12.53 4.90 -26.75
N THR E 95 -11.71 3.99 -26.25
CA THR E 95 -10.95 3.13 -27.11
C THR E 95 -11.11 1.70 -26.66
N MET E 96 -11.71 0.89 -27.49
CA MET E 96 -11.86 -0.50 -27.15
C MET E 96 -10.80 -1.22 -27.95
N ILE E 97 -10.19 -2.21 -27.35
CA ILE E 97 -9.15 -2.99 -28.01
C ILE E 97 -9.48 -4.47 -27.92
N TYR E 98 -9.87 -5.08 -29.03
CA TYR E 98 -10.19 -6.50 -28.99
C TYR E 98 -9.07 -7.32 -29.60
N PRO E 99 -8.31 -8.03 -28.77
CA PRO E 99 -7.20 -8.88 -29.26
C PRO E 99 -7.85 -10.15 -29.78
N GLN E 100 -7.07 -11.08 -30.31
CA GLN E 100 -7.65 -12.32 -30.81
C GLN E 100 -8.39 -13.07 -29.69
N SER E 101 -8.37 -14.38 -29.71
CA SER E 101 -9.07 -15.13 -28.67
C SER E 101 -8.38 -16.43 -28.34
N GLN E 102 -8.56 -17.36 -29.26
CA GLN E 102 -8.02 -18.72 -29.22
C GLN E 102 -7.97 -19.39 -27.88
N GLY E 103 -8.13 -18.63 -26.81
CA GLY E 103 -8.06 -19.23 -25.51
C GLY E 103 -9.28 -19.13 -24.61
N ARG E 104 -9.61 -17.93 -24.20
CA ARG E 104 -10.69 -17.79 -23.27
C ARG E 104 -11.61 -16.63 -23.51
N THR E 105 -12.20 -16.19 -22.40
CA THR E 105 -13.08 -15.04 -22.35
C THR E 105 -12.72 -14.15 -23.52
N PRO E 106 -13.51 -14.18 -24.61
CA PRO E 106 -13.09 -13.27 -25.67
C PRO E 106 -13.13 -11.92 -24.96
N SER E 107 -11.97 -11.48 -24.49
CA SER E 107 -11.88 -10.24 -23.75
C SER E 107 -11.36 -9.08 -24.58
N ALA E 108 -11.56 -7.90 -24.04
CA ALA E 108 -11.13 -6.67 -24.67
C ALA E 108 -11.10 -5.63 -23.57
N THR E 109 -10.33 -4.56 -23.80
CA THR E 109 -10.21 -3.49 -22.83
C THR E 109 -10.90 -2.23 -23.32
N TRP E 110 -11.55 -1.54 -22.40
CA TRP E 110 -12.20 -0.30 -22.75
C TRP E 110 -11.45 0.79 -22.02
N GLU E 111 -10.77 1.65 -22.78
CA GLU E 111 -9.99 2.72 -22.20
C GLU E 111 -10.74 4.04 -22.33
N PHE E 112 -11.08 4.64 -21.20
CA PHE E 112 -11.81 5.90 -21.24
C PHE E 112 -10.93 7.12 -21.01
N ASN E 113 -11.34 8.21 -21.62
CA ASN E 113 -10.63 9.48 -21.54
C ASN E 113 -11.64 10.61 -21.62
N ILE E 114 -11.70 11.43 -20.59
CA ILE E 114 -12.63 12.54 -20.59
C ILE E 114 -11.84 13.84 -20.50
N SER E 115 -12.17 14.79 -21.37
CA SER E 115 -11.50 16.10 -21.42
C SER E 115 -10.02 15.97 -21.07
N ASP E 116 -9.36 14.98 -21.67
CA ASP E 116 -7.95 14.66 -21.47
C ASP E 116 -7.46 14.81 -20.01
N SER E 117 -8.39 14.80 -19.06
CA SER E 117 -8.09 14.97 -17.67
C SER E 117 -8.25 13.70 -16.85
N TYR E 118 -9.39 13.05 -17.01
CA TYR E 118 -9.69 11.83 -16.26
C TYR E 118 -9.57 10.60 -17.12
N PHE E 119 -9.08 9.52 -16.52
CA PHE E 119 -8.88 8.26 -17.23
C PHE E 119 -9.21 7.07 -16.37
N PHE E 120 -9.65 6.00 -17.02
CA PHE E 120 -9.95 4.73 -16.35
C PHE E 120 -10.11 3.68 -17.42
N THR E 121 -9.98 2.43 -17.04
CA THR E 121 -10.07 1.36 -17.99
C THR E 121 -10.92 0.20 -17.47
N PHE E 122 -11.59 -0.49 -18.38
CA PHE E 122 -12.41 -1.63 -18.00
C PHE E 122 -11.84 -2.87 -18.67
N TYR E 123 -11.43 -3.85 -17.87
CA TYR E 123 -10.89 -5.10 -18.42
C TYR E 123 -11.96 -6.16 -18.31
N THR E 124 -12.24 -6.87 -19.39
CA THR E 124 -13.28 -7.89 -19.34
C THR E 124 -12.76 -9.26 -18.89
N GLU E 125 -11.50 -9.55 -19.17
CA GLU E 125 -10.86 -10.83 -18.80
C GLU E 125 -11.10 -11.27 -17.35
N ASN E 126 -11.70 -10.39 -16.56
CA ASN E 126 -12.03 -10.68 -15.16
C ASN E 126 -12.76 -9.47 -14.57
N MET E 127 -13.67 -8.95 -15.38
CA MET E 127 -14.51 -7.79 -15.07
C MET E 127 -14.09 -6.87 -13.92
N SER E 128 -12.93 -6.25 -14.11
CA SER E 128 -12.27 -5.34 -13.18
C SER E 128 -12.13 -3.89 -13.71
N TRP E 129 -12.00 -2.94 -12.80
CA TRP E 129 -11.84 -1.52 -13.17
C TRP E 129 -10.65 -0.79 -12.52
N ARG E 130 -9.80 -0.15 -13.32
CA ARG E 130 -8.64 0.62 -12.81
C ARG E 130 -8.75 2.10 -13.24
N SER E 131 -8.17 3.01 -12.46
CA SER E 131 -8.19 4.45 -12.79
C SER E 131 -6.74 4.99 -12.72
N ALA E 132 -6.57 6.28 -12.96
CA ALA E 132 -5.24 6.88 -12.95
C ALA E 132 -5.04 7.73 -11.70
N ASN E 133 -6.08 8.48 -11.35
CA ASN E 133 -6.11 9.32 -10.18
C ASN E 133 -7.34 8.87 -9.45
N ASP E 134 -7.52 9.42 -8.25
CA ASP E 134 -8.71 9.13 -7.48
C ASP E 134 -9.71 10.20 -7.94
N GLU E 135 -9.17 11.24 -8.59
CA GLU E 135 -9.99 12.30 -9.11
C GLU E 135 -10.78 11.67 -10.25
N SER E 136 -10.11 10.77 -10.95
CA SER E 136 -10.70 10.04 -12.06
C SER E 136 -11.63 8.97 -11.50
N GLY E 137 -11.08 8.12 -10.65
CA GLY E 137 -11.87 7.08 -10.05
C GLY E 137 -13.23 7.57 -9.57
N VAL E 138 -13.30 8.77 -9.03
CA VAL E 138 -14.57 9.31 -8.57
C VAL E 138 -15.60 9.03 -9.65
N ILE E 139 -15.24 9.47 -10.85
CA ILE E 139 -16.06 9.32 -12.03
C ILE E 139 -16.28 7.86 -12.38
N MET E 140 -15.18 7.12 -12.48
CA MET E 140 -15.24 5.71 -12.82
C MET E 140 -16.27 4.96 -12.04
N ASN E 141 -16.34 5.21 -10.74
CA ASN E 141 -17.31 4.51 -9.90
C ASN E 141 -18.74 4.90 -10.21
N LYS E 142 -18.95 6.15 -10.58
CA LYS E 142 -20.29 6.58 -10.93
C LYS E 142 -20.75 5.78 -12.15
N TRP E 143 -19.88 5.68 -13.15
CA TRP E 143 -20.17 4.96 -14.37
C TRP E 143 -20.22 3.45 -14.19
N LYS E 144 -19.42 2.95 -13.28
CA LYS E 144 -19.35 1.53 -13.02
C LYS E 144 -20.59 1.05 -12.25
N ASP E 145 -21.40 2.01 -11.79
CA ASP E 145 -22.61 1.71 -11.03
C ASP E 145 -23.81 1.52 -11.98
N ASP E 146 -23.71 2.09 -13.17
CA ASP E 146 -24.75 1.96 -14.19
C ASP E 146 -24.62 0.57 -14.83
N GLY E 147 -25.49 -0.34 -14.38
CA GLY E 147 -25.47 -1.71 -14.87
C GLY E 147 -25.64 -2.00 -16.35
N GLU E 148 -26.60 -1.34 -17.01
CA GLU E 148 -26.84 -1.58 -18.43
C GLU E 148 -25.62 -1.11 -19.21
N PHE E 149 -25.03 -0.02 -18.73
CA PHE E 149 -23.84 0.54 -19.37
C PHE E 149 -22.75 -0.51 -19.36
N VAL E 150 -22.53 -1.11 -18.20
CA VAL E 150 -21.52 -2.15 -18.11
C VAL E 150 -21.94 -3.34 -18.95
N LYS E 151 -23.26 -3.59 -18.99
CA LYS E 151 -23.81 -4.71 -19.77
C LYS E 151 -23.46 -4.57 -21.26
N GLN E 152 -23.79 -3.41 -21.83
CA GLN E 152 -23.48 -3.15 -23.22
C GLN E 152 -22.04 -3.56 -23.50
N LEU E 153 -21.12 -2.98 -22.75
CA LEU E 153 -19.70 -3.26 -22.90
C LEU E 153 -19.40 -4.75 -22.97
N LYS E 154 -20.16 -5.53 -22.21
CA LYS E 154 -19.95 -6.97 -22.21
C LYS E 154 -20.54 -7.58 -23.48
N PHE E 155 -21.85 -7.38 -23.63
CA PHE E 155 -22.62 -7.90 -24.74
C PHE E 155 -22.01 -7.60 -26.13
N LEU E 156 -21.63 -6.33 -26.33
CA LEU E 156 -21.02 -5.90 -27.56
C LEU E 156 -19.91 -6.85 -27.94
N ILE E 157 -19.01 -7.09 -27.00
CA ILE E 157 -17.89 -7.98 -27.25
C ILE E 157 -18.38 -9.41 -27.40
N HIS E 158 -19.50 -9.70 -26.76
CA HIS E 158 -20.06 -11.05 -26.82
C HIS E 158 -20.50 -11.36 -28.25
N GLU E 159 -21.53 -10.64 -28.69
CA GLU E 159 -22.09 -10.82 -30.02
C GLU E 159 -21.03 -10.94 -31.10
N CYS E 160 -20.27 -9.86 -31.28
CA CYS E 160 -19.26 -9.82 -32.33
C CYS E 160 -17.99 -10.61 -32.10
N SER E 161 -17.83 -11.12 -30.88
CA SER E 161 -16.65 -11.91 -30.54
C SER E 161 -16.23 -12.85 -31.67
N GLN E 162 -17.14 -13.77 -32.01
CA GLN E 162 -16.92 -14.76 -33.07
C GLN E 162 -16.36 -14.18 -34.36
N LYS E 163 -17.19 -13.34 -34.98
CA LYS E 163 -16.89 -12.70 -36.25
C LYS E 163 -15.53 -11.99 -36.34
N MET E 164 -15.09 -11.39 -35.25
CA MET E 164 -13.82 -10.69 -35.25
C MET E 164 -12.65 -11.66 -35.37
N ASP E 165 -12.63 -12.66 -34.49
CA ASP E 165 -11.57 -13.67 -34.52
C ASP E 165 -11.44 -14.20 -35.95
N GLU E 166 -12.59 -14.37 -36.60
CA GLU E 166 -12.63 -14.88 -37.96
C GLU E 166 -11.97 -13.89 -38.90
N PHE E 167 -12.37 -12.63 -38.80
CA PHE E 167 -11.82 -11.58 -39.64
C PHE E 167 -10.32 -11.38 -39.40
N LEU E 168 -9.91 -11.43 -38.14
CA LEU E 168 -8.51 -11.27 -37.80
C LEU E 168 -7.64 -12.36 -38.43
N LYS E 169 -8.07 -13.61 -38.28
CA LYS E 169 -7.30 -14.73 -38.85
C LYS E 169 -7.00 -14.55 -40.34
N GLN E 170 -7.85 -13.82 -41.05
CA GLN E 170 -7.64 -13.58 -42.48
C GLN E 170 -6.68 -12.45 -42.76
N SER E 171 -5.45 -12.59 -42.28
CA SER E 171 -4.44 -11.56 -42.50
C SER E 171 -3.32 -12.01 -43.45
N LYS E 172 -2.79 -11.04 -44.21
CA LYS E 172 -1.70 -11.26 -45.19
C LYS E 172 -0.49 -10.33 -44.88
N GLU E 173 0.52 -10.33 -45.76
CA GLU E 173 1.72 -9.49 -45.62
C GLU E 173 2.57 -9.34 -46.92
N LYS E 174 2.99 -8.10 -47.23
CA LYS E 174 3.81 -7.84 -48.41
C LYS E 174 4.29 -6.38 -48.47
#